data_4CMD
#
_entry.id   4CMD
#
_cell.length_a   106.062
_cell.length_b   133.894
_cell.length_c   61.666
_cell.angle_alpha   90.00
_cell.angle_beta   90.00
_cell.angle_gamma   90.00
#
_symmetry.space_group_name_H-M   'P 21 21 2'
#
loop_
_entity.id
_entity.type
_entity.pdbx_description
1 polymer AMINOTRANSFERASE
2 non-polymer '2-(N-MORPHOLINO)-ETHANESULFONIC ACID'
3 non-polymer "PYRIDOXAL-5'-PHOSPHATE"
4 water water
#
_entity_poly.entity_id   1
_entity_poly.type   'polypeptide(L)'
_entity_poly.pdbx_seq_one_letter_code
;MATMDKVFAGYAERQAVLEASKNPLAKGVAWIQGELVPLHEARIPLLDQGFMHSDLTYDVPSVWDGRFFRLEDHLNRLEA
SCKKMRLRMPLPREEVIKTLVDMVAKSGIRDAFVELIVTRGLTGVRGAKPEELLNNNLYMFIQPYVWVMDPDVQYTGGRA
IVARTVRRVPPGSIDPTIKNLQWGDLVRGLFEANDRGATYPFLTDGDANLTEGSGFNVVLIKDGVLYTPDRGVLQGITRK
SVIDAARSCGYEIRVEHVPIEATYQADEILMCTTAGGIMPITTLDDKPVKDGKVGPITKAIWDRYWAMHWEDEFSFKINY
LE
;
_entity_poly.pdbx_strand_id   A,B
#
loop_
_chem_comp.id
_chem_comp.type
_chem_comp.name
_chem_comp.formula
MES non-polymer '2-(N-MORPHOLINO)-ETHANESULFONIC ACID' 'C6 H13 N O4 S'
PLP non-polymer PYRIDOXAL-5'-PHOSPHATE 'C8 H10 N O6 P'
#
# COMPACT_ATOMS: atom_id res chain seq x y z
N MET A 1 -20.56 34.21 -3.33
CA MET A 1 -20.87 32.79 -3.00
C MET A 1 -20.01 32.29 -1.83
N ALA A 2 -20.58 32.22 -0.62
CA ALA A 2 -19.89 31.57 0.52
C ALA A 2 -20.76 30.89 1.61
N THR A 3 -22.04 31.21 1.68
CA THR A 3 -22.96 30.49 2.55
CA THR A 3 -22.97 30.47 2.55
C THR A 3 -23.19 29.08 1.94
N MET A 4 -23.60 28.11 2.74
CA MET A 4 -23.82 26.76 2.20
C MET A 4 -24.80 26.76 1.05
N ASP A 5 -25.93 27.46 1.23
CA ASP A 5 -26.99 27.45 0.23
C ASP A 5 -26.46 27.91 -1.12
N LYS A 6 -25.68 28.98 -1.12
CA LYS A 6 -25.18 29.55 -2.38
CA LYS A 6 -25.18 29.56 -2.37
C LYS A 6 -24.14 28.67 -3.04
N VAL A 7 -23.17 28.19 -2.24
CA VAL A 7 -22.09 27.32 -2.77
C VAL A 7 -22.70 26.02 -3.36
N PHE A 8 -23.59 25.38 -2.61
CA PHE A 8 -24.23 24.15 -3.07
C PHE A 8 -25.20 24.36 -4.25
N ALA A 9 -25.83 25.54 -4.31
CA ALA A 9 -26.74 25.83 -5.43
C ALA A 9 -25.98 25.94 -6.74
N GLY A 10 -24.79 26.55 -6.68
CA GLY A 10 -23.92 26.68 -7.86
C GLY A 10 -23.48 25.29 -8.33
N TYR A 11 -22.98 24.48 -7.39
CA TYR A 11 -22.62 23.10 -7.68
C TYR A 11 -23.77 22.33 -8.32
N ALA A 12 -24.96 22.40 -7.70
CA ALA A 12 -26.13 21.73 -8.26
C ALA A 12 -26.42 22.15 -9.71
N GLU A 13 -26.31 23.45 -10.03
CA GLU A 13 -26.60 23.87 -11.41
CA GLU A 13 -26.58 23.91 -11.40
C GLU A 13 -25.56 23.33 -12.40
N ARG A 14 -24.30 23.39 -12.01
CA ARG A 14 -23.23 22.84 -12.86
C ARG A 14 -23.38 21.33 -13.06
N GLN A 15 -23.76 20.64 -11.98
CA GLN A 15 -23.93 19.18 -11.97
C GLN A 15 -25.02 18.76 -12.92
N ALA A 16 -26.13 19.49 -12.94
CA ALA A 16 -27.24 19.19 -13.84
C ALA A 16 -26.80 19.28 -15.32
N VAL A 17 -26.00 20.29 -15.63
CA VAL A 17 -25.38 20.38 -16.93
C VAL A 17 -24.45 19.17 -17.19
N LEU A 18 -23.60 18.84 -16.21
CA LEU A 18 -22.64 17.76 -16.42
C LEU A 18 -23.35 16.41 -16.63
N GLU A 19 -24.38 16.14 -15.84
CA GLU A 19 -25.10 14.86 -15.91
CA GLU A 19 -25.09 14.87 -15.91
C GLU A 19 -25.82 14.70 -17.24
N ALA A 20 -26.16 15.83 -17.88
CA ALA A 20 -26.90 15.76 -19.16
C ALA A 20 -25.94 15.65 -20.34
N SER A 21 -24.65 15.85 -20.08
CA SER A 21 -23.65 15.76 -21.14
C SER A 21 -23.58 14.35 -21.75
N LYS A 22 -23.45 14.30 -23.08
CA LYS A 22 -23.22 13.03 -23.80
C LYS A 22 -21.75 12.74 -24.04
N ASN A 23 -20.87 13.67 -23.67
CA ASN A 23 -19.43 13.50 -23.86
C ASN A 23 -18.98 12.37 -22.95
N PRO A 24 -18.39 11.29 -23.51
CA PRO A 24 -18.00 10.14 -22.68
C PRO A 24 -16.96 10.54 -21.62
N LEU A 25 -16.19 11.60 -21.88
CA LEU A 25 -15.20 12.11 -20.90
C LEU A 25 -15.80 12.86 -19.71
N ALA A 26 -17.11 13.14 -19.73
CA ALA A 26 -17.75 13.79 -18.60
C ALA A 26 -17.67 12.93 -17.35
N LYS A 27 -17.47 11.62 -17.52
CA LYS A 27 -17.36 10.67 -16.41
CA LYS A 27 -17.36 10.69 -16.40
C LYS A 27 -15.93 10.67 -15.87
N GLY A 28 -15.02 11.34 -16.56
CA GLY A 28 -13.63 11.37 -16.11
C GLY A 28 -12.68 10.94 -17.19
N VAL A 29 -11.42 11.33 -17.03
CA VAL A 29 -10.43 11.03 -18.03
CA VAL A 29 -10.37 11.17 -18.04
C VAL A 29 -9.10 10.75 -17.33
N ALA A 30 -8.35 9.81 -17.89
CA ALA A 30 -7.02 9.49 -17.34
C ALA A 30 -5.92 9.74 -18.39
N TRP A 31 -4.71 10.04 -17.91
CA TRP A 31 -3.55 10.16 -18.77
C TRP A 31 -2.70 8.96 -18.44
N ILE A 32 -2.43 8.14 -19.46
CA ILE A 32 -1.64 6.90 -19.30
C ILE A 32 -0.56 6.93 -20.38
N GLN A 33 0.69 7.07 -19.96
CA GLN A 33 1.83 7.09 -20.88
C GLN A 33 1.55 7.97 -22.12
N GLY A 34 1.15 9.21 -21.86
CA GLY A 34 1.03 10.22 -22.92
C GLY A 34 -0.29 10.21 -23.67
N GLU A 35 -1.21 9.35 -23.26
CA GLU A 35 -2.50 9.24 -23.96
CA GLU A 35 -2.49 9.19 -23.96
C GLU A 35 -3.67 9.44 -23.01
N LEU A 36 -4.71 10.13 -23.50
CA LEU A 36 -5.93 10.35 -22.73
C LEU A 36 -6.89 9.22 -23.00
N VAL A 37 -7.45 8.66 -21.92
CA VAL A 37 -8.35 7.49 -21.96
CA VAL A 37 -8.41 7.57 -22.04
C VAL A 37 -9.59 7.79 -21.09
N PRO A 38 -10.80 7.40 -21.53
CA PRO A 38 -11.92 7.50 -20.59
C PRO A 38 -11.58 6.80 -19.27
N LEU A 39 -11.88 7.45 -18.15
CA LEU A 39 -11.47 6.95 -16.82
C LEU A 39 -11.76 5.47 -16.58
N HIS A 40 -12.99 5.04 -16.86
CA HIS A 40 -13.37 3.67 -16.56
C HIS A 40 -12.78 2.62 -17.50
N GLU A 41 -12.12 3.08 -18.55
CA GLU A 41 -11.42 2.20 -19.49
C GLU A 41 -9.92 2.14 -19.22
N ALA A 42 -9.43 3.05 -18.38
CA ALA A 42 -7.98 3.20 -18.13
C ALA A 42 -7.34 1.97 -17.47
N ARG A 43 -6.15 1.62 -17.93
CA ARG A 43 -5.43 0.44 -17.44
CA ARG A 43 -5.45 0.46 -17.39
C ARG A 43 -3.97 0.79 -17.21
N ILE A 44 -3.36 0.16 -16.20
CA ILE A 44 -1.94 0.36 -15.91
C ILE A 44 -1.22 -0.99 -15.99
N PRO A 45 0.12 -1.00 -16.18
CA PRO A 45 0.80 -2.31 -16.23
C PRO A 45 0.69 -3.04 -14.90
N LEU A 46 0.38 -4.33 -14.95
CA LEU A 46 0.38 -5.18 -13.76
CA LEU A 46 0.40 -5.22 -13.79
C LEU A 46 1.69 -5.08 -13.00
N LEU A 47 2.83 -5.03 -13.71
CA LEU A 47 4.15 -4.99 -13.06
C LEU A 47 4.56 -3.63 -12.52
N ASP A 48 3.69 -2.63 -12.63
CA ASP A 48 4.06 -1.33 -12.06
C ASP A 48 4.17 -1.47 -10.54
N GLN A 49 5.31 -1.02 -9.99
CA GLN A 49 5.58 -1.15 -8.56
C GLN A 49 4.59 -0.35 -7.70
N GLY A 50 3.88 0.61 -8.32
CA GLY A 50 2.79 1.30 -7.62
C GLY A 50 1.69 0.32 -7.26
N PHE A 51 1.50 -0.71 -8.08
CA PHE A 51 0.58 -1.79 -7.73
C PHE A 51 1.31 -2.89 -6.94
N MET A 52 2.49 -3.31 -7.45
CA MET A 52 3.17 -4.49 -6.90
CA MET A 52 3.14 -4.49 -6.89
C MET A 52 3.59 -4.30 -5.43
N HIS A 53 3.96 -3.08 -5.05
CA HIS A 53 4.39 -2.79 -3.66
C HIS A 53 3.89 -1.45 -3.12
N SER A 54 2.78 -0.95 -3.69
CA SER A 54 2.24 0.40 -3.41
C SER A 54 3.42 1.38 -3.28
N ASP A 55 4.37 1.31 -4.20
CA ASP A 55 5.62 2.05 -4.01
C ASP A 55 5.46 3.33 -4.83
N LEU A 56 4.81 4.31 -4.20
CA LEU A 56 4.33 5.50 -4.89
C LEU A 56 4.00 6.59 -3.89
N THR A 57 3.84 7.80 -4.41
CA THR A 57 3.21 8.88 -3.68
C THR A 57 2.17 9.48 -4.61
N TYR A 58 1.31 10.34 -4.08
CA TYR A 58 0.25 10.91 -4.92
C TYR A 58 -0.18 12.24 -4.37
N ASP A 59 -1.00 12.95 -5.12
CA ASP A 59 -1.61 14.15 -4.59
C ASP A 59 -2.90 14.43 -5.30
N VAL A 60 -3.82 15.12 -4.62
CA VAL A 60 -5.17 15.34 -5.13
C VAL A 60 -5.57 16.83 -4.99
N PRO A 61 -5.29 17.63 -6.04
CA PRO A 61 -5.86 18.97 -6.10
C PRO A 61 -7.31 18.83 -6.61
N SER A 62 -7.95 19.97 -6.86
CA SER A 62 -9.36 20.01 -7.21
C SER A 62 -9.65 21.23 -8.08
N VAL A 63 -10.77 21.14 -8.81
CA VAL A 63 -11.29 22.26 -9.61
C VAL A 63 -12.68 22.55 -9.06
N TRP A 64 -13.01 23.83 -8.82
CA TRP A 64 -14.33 24.20 -8.31
C TRP A 64 -14.83 25.37 -9.15
N ASP A 65 -16.04 25.24 -9.70
CA ASP A 65 -16.58 26.27 -10.62
C ASP A 65 -15.58 26.66 -11.72
N GLY A 66 -14.89 25.65 -12.28
CA GLY A 66 -13.94 25.89 -13.35
C GLY A 66 -12.64 26.57 -12.94
N ARG A 67 -12.33 26.58 -11.65
CA ARG A 67 -11.12 27.20 -11.12
C ARG A 67 -10.29 26.16 -10.37
N PHE A 68 -9.04 25.94 -10.79
CA PHE A 68 -8.15 25.07 -10.01
C PHE A 68 -7.86 25.73 -8.65
N PHE A 69 -7.92 24.94 -7.59
CA PHE A 69 -7.76 25.47 -6.22
C PHE A 69 -6.40 25.07 -5.66
N ARG A 70 -5.57 26.07 -5.39
CA ARG A 70 -4.24 25.90 -4.77
C ARG A 70 -3.38 24.85 -5.47
N LEU A 71 -3.43 24.81 -6.80
CA LEU A 71 -2.70 23.77 -7.55
C LEU A 71 -1.20 23.78 -7.23
N GLU A 72 -0.58 24.97 -7.16
CA GLU A 72 0.86 24.99 -6.88
C GLU A 72 1.19 24.36 -5.53
N ASP A 73 0.34 24.57 -4.53
CA ASP A 73 0.56 23.98 -3.20
C ASP A 73 0.58 22.45 -3.30
N HIS A 74 -0.38 21.89 -4.04
CA HIS A 74 -0.41 20.43 -4.25
C HIS A 74 0.81 19.94 -5.04
N LEU A 75 1.22 20.68 -6.07
CA LEU A 75 2.38 20.25 -6.87
C LEU A 75 3.66 20.35 -6.07
N ASN A 76 3.79 21.40 -5.25
CA ASN A 76 4.97 21.50 -4.35
C ASN A 76 4.97 20.40 -3.32
N ARG A 77 3.79 20.03 -2.80
CA ARG A 77 3.76 18.93 -1.81
C ARG A 77 4.12 17.62 -2.50
N LEU A 78 3.61 17.40 -3.71
CA LEU A 78 3.93 16.19 -4.46
C LEU A 78 5.44 16.12 -4.75
N GLU A 79 6.04 17.26 -5.06
CA GLU A 79 7.48 17.33 -5.31
CA GLU A 79 7.48 17.30 -5.31
C GLU A 79 8.24 16.97 -4.02
N ALA A 80 7.77 17.50 -2.90
CA ALA A 80 8.42 17.24 -1.58
C ALA A 80 8.28 15.76 -1.21
N SER A 81 7.09 15.18 -1.44
CA SER A 81 6.86 13.74 -1.25
C SER A 81 7.79 12.90 -2.13
N CYS A 82 7.90 13.23 -3.42
CA CYS A 82 8.79 12.50 -4.34
C CYS A 82 10.23 12.54 -3.82
N LYS A 83 10.70 13.71 -3.41
CA LYS A 83 12.06 13.87 -2.89
CA LYS A 83 12.08 13.82 -2.93
C LYS A 83 12.31 12.91 -1.74
N LYS A 84 11.37 12.87 -0.80
CA LYS A 84 11.51 11.99 0.37
C LYS A 84 11.53 10.51 0.02
N MET A 85 10.85 10.15 -1.07
CA MET A 85 10.79 8.78 -1.53
C MET A 85 11.84 8.39 -2.55
N ARG A 86 12.73 9.32 -2.89
CA ARG A 86 13.72 9.13 -3.98
C ARG A 86 13.07 8.88 -5.36
N LEU A 87 11.92 9.49 -5.55
CA LEU A 87 11.23 9.51 -6.84
C LEU A 87 11.44 10.88 -7.46
N ARG A 88 11.22 10.98 -8.76
CA ARG A 88 11.30 12.26 -9.44
CA ARG A 88 11.30 12.26 -9.45
C ARG A 88 10.09 12.39 -10.37
N MET A 89 9.44 13.56 -10.39
CA MET A 89 8.36 13.85 -11.35
CA MET A 89 8.34 13.75 -11.34
C MET A 89 8.81 13.50 -12.78
N PRO A 90 8.11 12.60 -13.49
CA PRO A 90 8.47 12.19 -14.84
C PRO A 90 8.31 13.26 -15.95
N LEU A 91 7.55 14.31 -15.66
CA LEU A 91 7.30 15.42 -16.61
C LEU A 91 7.61 16.73 -15.90
N PRO A 92 8.08 17.75 -16.64
CA PRO A 92 8.31 19.03 -16.00
C PRO A 92 6.98 19.72 -15.69
N ARG A 93 7.00 20.69 -14.79
CA ARG A 93 5.72 21.19 -14.25
C ARG A 93 4.83 21.83 -15.32
N GLU A 94 5.45 22.57 -16.27
CA GLU A 94 4.63 23.20 -17.29
C GLU A 94 3.83 22.18 -18.11
N GLU A 95 4.44 21.02 -18.37
CA GLU A 95 3.75 19.95 -19.10
CA GLU A 95 3.74 19.95 -19.09
C GLU A 95 2.67 19.29 -18.22
N VAL A 96 2.95 19.12 -16.93
CA VAL A 96 1.94 18.57 -15.99
C VAL A 96 0.69 19.46 -16.00
N ILE A 97 0.88 20.76 -15.80
CA ILE A 97 -0.26 21.68 -15.73
C ILE A 97 -1.01 21.77 -17.05
N LYS A 98 -0.26 21.89 -18.15
CA LYS A 98 -0.88 21.96 -19.47
C LYS A 98 -1.75 20.73 -19.73
N THR A 99 -1.22 19.55 -19.40
CA THR A 99 -1.97 18.29 -19.54
C THR A 99 -3.21 18.24 -18.66
N LEU A 100 -3.08 18.65 -17.38
CA LEU A 100 -4.24 18.64 -16.46
C LEU A 100 -5.34 19.58 -16.93
N VAL A 101 -4.97 20.80 -17.31
CA VAL A 101 -6.00 21.73 -17.76
CA VAL A 101 -5.95 21.77 -17.80
C VAL A 101 -6.64 21.27 -19.07
N ASP A 102 -5.86 20.64 -19.96
CA ASP A 102 -6.42 20.07 -21.21
C ASP A 102 -7.41 18.95 -20.88
N MET A 103 -7.07 18.08 -19.92
CA MET A 103 -7.96 17.00 -19.52
C MET A 103 -9.26 17.54 -18.94
N VAL A 104 -9.16 18.55 -18.07
CA VAL A 104 -10.34 19.16 -17.47
C VAL A 104 -11.21 19.81 -18.56
N ALA A 105 -10.58 20.60 -19.44
CA ALA A 105 -11.32 21.27 -20.52
C ALA A 105 -12.05 20.25 -21.41
N LYS A 106 -11.37 19.16 -21.81
CA LYS A 106 -11.98 18.15 -22.69
CA LYS A 106 -11.97 18.13 -22.68
C LYS A 106 -13.16 17.44 -22.03
N SER A 107 -13.10 17.23 -20.72
CA SER A 107 -14.14 16.54 -19.98
C SER A 107 -15.40 17.39 -19.80
N GLY A 108 -15.23 18.71 -19.79
CA GLY A 108 -16.28 19.66 -19.43
C GLY A 108 -16.62 19.71 -17.94
N ILE A 109 -15.89 18.97 -17.11
CA ILE A 109 -16.15 18.93 -15.67
C ILE A 109 -15.75 20.26 -15.01
N ARG A 110 -16.71 20.93 -14.37
CA ARG A 110 -16.44 22.22 -13.71
C ARG A 110 -16.05 22.05 -12.24
N ASP A 111 -16.50 20.94 -11.63
CA ASP A 111 -16.17 20.63 -10.24
C ASP A 111 -15.55 19.26 -10.26
N ALA A 112 -14.24 19.20 -10.05
CA ALA A 112 -13.44 18.01 -10.35
C ALA A 112 -12.54 17.59 -9.21
N PHE A 113 -12.37 16.27 -9.10
CA PHE A 113 -11.38 15.64 -8.22
C PHE A 113 -10.25 15.33 -9.18
N VAL A 114 -9.00 15.72 -8.84
CA VAL A 114 -7.89 15.59 -9.77
C VAL A 114 -6.81 14.80 -9.03
N GLU A 115 -6.27 13.74 -9.64
CA GLU A 115 -5.27 12.93 -8.90
C GLU A 115 -4.02 12.75 -9.74
N LEU A 116 -2.85 12.94 -9.12
CA LEU A 116 -1.55 12.64 -9.76
C LEU A 116 -0.87 11.56 -8.94
N ILE A 117 -0.34 10.54 -9.61
CA ILE A 117 0.35 9.43 -8.91
C ILE A 117 1.73 9.26 -9.54
N VAL A 118 2.76 9.25 -8.70
CA VAL A 118 4.13 8.99 -9.16
C VAL A 118 4.56 7.67 -8.53
N THR A 119 4.86 6.66 -9.35
CA THR A 119 5.27 5.36 -8.83
C THR A 119 6.75 5.10 -9.15
N ARG A 120 7.31 4.13 -8.44
CA ARG A 120 8.69 3.73 -8.67
C ARG A 120 8.95 3.31 -10.11
N GLY A 121 7.93 2.82 -10.81
CA GLY A 121 8.08 2.34 -12.19
C GLY A 121 8.06 0.82 -12.26
N LEU A 122 8.73 0.27 -13.26
CA LEU A 122 8.61 -1.19 -13.50
C LEU A 122 9.71 -1.99 -12.80
N THR A 123 10.68 -1.29 -12.23
CA THR A 123 11.74 -1.97 -11.50
C THR A 123 11.60 -1.76 -10.01
N GLY A 124 11.52 -2.87 -9.27
CA GLY A 124 11.37 -2.81 -7.80
C GLY A 124 12.64 -2.42 -7.09
N VAL A 125 12.50 -1.77 -5.93
CA VAL A 125 13.65 -1.40 -5.10
C VAL A 125 14.44 -2.65 -4.65
N ARG A 126 13.71 -3.70 -4.28
CA ARG A 126 14.37 -4.90 -3.73
C ARG A 126 15.31 -5.52 -4.76
N GLY A 127 16.59 -5.60 -4.43
CA GLY A 127 17.57 -6.17 -5.33
C GLY A 127 18.11 -5.23 -6.40
N ALA A 128 17.71 -3.95 -6.37
CA ALA A 128 18.22 -3.01 -7.37
C ALA A 128 19.33 -2.07 -6.88
N LYS A 129 20.11 -1.55 -7.83
CA LYS A 129 21.07 -0.48 -7.58
CA LYS A 129 21.06 -0.49 -7.54
C LYS A 129 20.31 0.83 -7.72
N PRO A 130 20.70 1.89 -6.98
CA PRO A 130 20.03 3.19 -7.13
C PRO A 130 19.82 3.65 -8.57
N GLU A 131 20.82 3.47 -9.43
CA GLU A 131 20.73 3.92 -10.83
C GLU A 131 19.71 3.16 -11.67
N GLU A 132 19.21 2.04 -11.15
CA GLU A 132 18.23 1.26 -11.89
C GLU A 132 16.80 1.67 -11.51
N LEU A 133 16.67 2.64 -10.62
CA LEU A 133 15.36 2.98 -10.04
C LEU A 133 14.91 4.40 -10.42
N LEU A 134 15.40 4.88 -11.56
CA LEU A 134 15.14 6.28 -11.98
C LEU A 134 14.01 6.45 -13.01
N ASN A 135 13.55 5.34 -13.57
CA ASN A 135 12.49 5.36 -14.55
CA ASN A 135 12.48 5.36 -14.56
C ASN A 135 11.12 5.26 -13.87
N ASN A 136 10.72 6.37 -13.24
CA ASN A 136 9.49 6.41 -12.44
C ASN A 136 8.29 6.68 -13.37
N ASN A 137 7.10 6.21 -12.98
CA ASN A 137 5.91 6.39 -13.83
C ASN A 137 4.95 7.41 -13.27
N LEU A 138 4.28 8.14 -14.16
CA LEU A 138 3.25 9.11 -13.78
C LEU A 138 1.90 8.66 -14.31
N TYR A 139 0.87 8.74 -13.46
CA TYR A 139 -0.53 8.53 -13.87
C TYR A 139 -1.31 9.73 -13.37
N MET A 140 -2.23 10.25 -14.19
CA MET A 140 -3.06 11.35 -13.73
C MET A 140 -4.48 11.07 -14.14
N PHE A 141 -5.44 11.50 -13.32
CA PHE A 141 -6.83 11.41 -13.77
C PHE A 141 -7.69 12.50 -13.15
N ILE A 142 -8.81 12.76 -13.80
CA ILE A 142 -9.78 13.62 -13.20
CA ILE A 142 -9.83 13.71 -13.38
C ILE A 142 -11.14 12.93 -13.26
N GLN A 143 -11.99 13.26 -12.30
CA GLN A 143 -13.32 12.67 -12.24
C GLN A 143 -14.21 13.70 -11.58
N PRO A 144 -15.54 13.52 -11.65
CA PRO A 144 -16.42 14.45 -10.96
C PRO A 144 -16.06 14.55 -9.46
N TYR A 145 -16.18 15.76 -8.92
CA TYR A 145 -15.83 16.05 -7.54
C TYR A 145 -16.45 15.01 -6.61
N VAL A 146 -15.62 14.53 -5.68
CA VAL A 146 -16.00 13.48 -4.73
C VAL A 146 -16.29 14.08 -3.35
N TRP A 147 -17.37 13.64 -2.71
CA TRP A 147 -17.79 14.14 -1.38
C TRP A 147 -17.56 13.09 -0.31
N VAL A 148 -16.62 13.36 0.60
CA VAL A 148 -16.45 12.47 1.76
C VAL A 148 -17.61 12.69 2.74
N MET A 149 -18.24 13.86 2.63
CA MET A 149 -19.51 14.14 3.29
C MET A 149 -20.39 14.85 2.28
N ASP A 150 -21.58 14.29 2.00
CA ASP A 150 -22.50 14.91 1.04
C ASP A 150 -22.93 16.29 1.46
N PRO A 151 -23.20 17.17 0.48
CA PRO A 151 -23.63 18.53 0.77
C PRO A 151 -24.76 18.60 1.81
N ASP A 152 -25.83 17.81 1.64
CA ASP A 152 -26.94 17.87 2.59
CA ASP A 152 -26.95 17.86 2.59
C ASP A 152 -26.52 17.57 4.04
N VAL A 153 -25.57 16.64 4.20
CA VAL A 153 -25.12 16.22 5.51
C VAL A 153 -24.27 17.30 6.18
N GLN A 154 -23.61 18.13 5.39
CA GLN A 154 -22.80 19.23 5.92
C GLN A 154 -23.58 20.24 6.77
N TYR A 155 -24.89 20.34 6.52
CA TYR A 155 -25.75 21.21 7.32
C TYR A 155 -25.92 20.72 8.76
N THR A 156 -25.89 19.41 8.96
CA THR A 156 -26.20 18.83 10.27
C THR A 156 -25.05 18.09 10.90
N GLY A 157 -24.07 17.70 10.08
CA GLY A 157 -22.86 17.11 10.60
C GLY A 157 -22.94 15.59 10.65
N GLY A 158 -21.77 14.94 10.73
CA GLY A 158 -21.75 13.48 10.69
C GLY A 158 -21.41 12.80 11.99
N ARG A 159 -21.36 11.46 11.94
CA ARG A 159 -21.10 10.59 13.09
C ARG A 159 -19.70 10.02 13.00
N ALA A 160 -18.89 10.28 14.04
CA ALA A 160 -17.55 9.74 14.16
C ALA A 160 -17.38 8.81 15.36
N ILE A 161 -16.37 7.96 15.30
CA ILE A 161 -15.93 7.21 16.46
C ILE A 161 -14.43 7.40 16.58
N VAL A 162 -13.94 7.37 17.82
CA VAL A 162 -12.53 7.22 18.05
C VAL A 162 -12.26 5.70 17.93
N ALA A 163 -11.39 5.34 17.00
CA ALA A 163 -11.09 3.93 16.76
C ALA A 163 -10.41 3.30 17.97
N ARG A 164 -10.88 2.10 18.36
CA ARG A 164 -10.25 1.37 19.45
C ARG A 164 -9.56 0.09 18.99
N THR A 165 -9.87 -0.39 17.78
CA THR A 165 -9.29 -1.65 17.33
C THR A 165 -8.06 -1.49 16.42
N VAL A 166 -7.69 -0.24 16.13
CA VAL A 166 -6.61 0.06 15.20
C VAL A 166 -6.04 1.40 15.61
N ARG A 167 -4.76 1.62 15.34
CA ARG A 167 -4.16 2.96 15.50
C ARG A 167 -3.36 3.34 14.24
N ARG A 168 -3.01 4.62 14.13
CA ARG A 168 -2.34 5.14 12.95
C ARG A 168 -0.95 4.53 12.80
N VAL A 169 -0.57 4.20 11.56
CA VAL A 169 0.80 3.80 11.25
C VAL A 169 1.73 4.90 11.77
N PRO A 170 2.73 4.53 12.61
CA PRO A 170 3.61 5.56 13.18
C PRO A 170 4.57 6.12 12.14
N PRO A 171 4.99 7.39 12.32
CA PRO A 171 5.89 8.00 11.35
C PRO A 171 7.20 7.25 11.19
N GLY A 172 7.62 6.52 12.22
CA GLY A 172 8.84 5.73 12.15
C GLY A 172 8.70 4.49 11.27
N SER A 173 7.47 4.21 10.80
CA SER A 173 7.23 3.15 9.83
C SER A 173 7.02 3.76 8.47
N ILE A 174 6.07 4.68 8.39
CA ILE A 174 5.77 5.41 7.16
C ILE A 174 5.53 6.87 7.58
N ASP A 175 6.27 7.78 6.99
CA ASP A 175 6.13 9.21 7.26
C ASP A 175 4.78 9.68 6.72
N PRO A 176 3.83 10.08 7.60
CA PRO A 176 2.49 10.40 7.11
C PRO A 176 2.43 11.72 6.38
N THR A 177 3.53 12.50 6.39
CA THR A 177 3.56 13.73 5.58
C THR A 177 3.81 13.44 4.09
N ILE A 178 4.24 12.21 3.77
CA ILE A 178 4.36 11.74 2.40
C ILE A 178 3.02 11.12 2.05
N LYS A 179 2.25 11.78 1.18
CA LYS A 179 0.91 11.31 0.88
C LYS A 179 1.02 9.97 0.21
N ASN A 180 0.29 8.98 0.70
CA ASN A 180 0.46 7.63 0.18
C ASN A 180 -0.82 6.84 0.20
N LEU A 181 -0.82 5.71 -0.51
CA LEU A 181 -2.03 4.93 -0.72
C LEU A 181 -2.00 3.65 0.09
N GLN A 182 -1.15 3.62 1.11
CA GLN A 182 -1.06 2.41 1.91
C GLN A 182 -2.04 2.55 3.08
N TRP A 183 -3.31 2.21 2.80
CA TRP A 183 -4.41 2.53 3.69
C TRP A 183 -4.82 1.43 4.66
N GLY A 184 -3.91 0.50 4.97
CA GLY A 184 -4.35 -0.67 5.76
C GLY A 184 -5.00 -0.29 7.08
N ASP A 185 -4.40 0.67 7.81
CA ASP A 185 -4.98 1.12 9.06
C ASP A 185 -6.27 1.90 8.84
N LEU A 186 -6.27 2.73 7.78
CA LEU A 186 -7.43 3.59 7.49
C LEU A 186 -8.66 2.78 7.09
N VAL A 187 -8.44 1.76 6.25
CA VAL A 187 -9.50 0.80 5.92
C VAL A 187 -9.98 0.03 7.16
N ARG A 188 -9.07 -0.41 8.03
CA ARG A 188 -9.51 -1.00 9.32
C ARG A 188 -10.40 -0.03 10.09
N GLY A 189 -9.99 1.24 10.12
CA GLY A 189 -10.80 2.27 10.78
C GLY A 189 -12.19 2.39 10.17
N LEU A 190 -12.25 2.38 8.83
CA LEU A 190 -13.54 2.49 8.13
C LEU A 190 -14.48 1.33 8.47
N PHE A 191 -13.94 0.11 8.45
CA PHE A 191 -14.73 -1.05 8.91
C PHE A 191 -15.18 -0.97 10.38
N GLU A 192 -14.27 -0.55 11.28
CA GLU A 192 -14.66 -0.36 12.68
C GLU A 192 -15.79 0.67 12.81
N ALA A 193 -15.65 1.80 12.11
CA ALA A 193 -16.68 2.84 12.17
C ALA A 193 -18.01 2.26 11.70
N ASN A 194 -17.98 1.55 10.58
CA ASN A 194 -19.22 0.94 10.06
C ASN A 194 -19.80 -0.08 11.04
N ASP A 195 -18.96 -0.93 11.60
CA ASP A 195 -19.38 -1.88 12.65
C ASP A 195 -20.00 -1.19 13.87
N ARG A 196 -19.54 0.01 14.16
CA ARG A 196 -20.01 0.73 15.34
C ARG A 196 -21.08 1.75 14.98
N GLY A 197 -21.61 1.66 13.76
CA GLY A 197 -22.72 2.51 13.34
C GLY A 197 -22.37 3.96 13.07
N ALA A 198 -21.12 4.21 12.73
CA ALA A 198 -20.63 5.56 12.42
C ALA A 198 -20.04 5.57 10.99
N THR A 199 -19.71 6.75 10.48
CA THR A 199 -19.16 6.88 9.15
C THR A 199 -17.67 7.23 9.17
N TYR A 200 -17.21 7.96 10.19
CA TYR A 200 -15.86 8.53 10.18
C TYR A 200 -15.04 8.06 11.36
N PRO A 201 -13.89 7.39 11.09
CA PRO A 201 -13.04 6.96 12.19
C PRO A 201 -11.96 8.00 12.49
N PHE A 202 -11.72 8.28 13.77
CA PHE A 202 -10.58 9.11 14.16
C PHE A 202 -9.57 8.16 14.76
N LEU A 203 -8.35 8.16 14.25
CA LEU A 203 -7.36 7.23 14.78
C LEU A 203 -6.42 7.92 15.79
N THR A 204 -6.04 7.19 16.82
CA THR A 204 -5.05 7.68 17.79
C THR A 204 -3.68 7.28 17.28
N ASP A 205 -2.62 7.79 17.91
CA ASP A 205 -1.24 7.43 17.58
C ASP A 205 -0.77 6.22 18.40
N GLY A 206 -1.70 5.59 19.12
CA GLY A 206 -1.38 4.49 20.03
C GLY A 206 -0.63 4.95 21.28
N ASP A 207 -0.71 6.24 21.56
CA ASP A 207 -0.07 6.80 22.75
C ASP A 207 -0.97 7.88 23.34
N ALA A 208 -2.28 7.69 23.13
CA ALA A 208 -3.38 8.50 23.66
C ALA A 208 -3.51 9.92 23.08
N ASN A 209 -2.98 10.12 21.87
CA ASN A 209 -3.20 11.37 21.12
C ASN A 209 -4.03 11.18 19.86
N LEU A 210 -4.78 12.21 19.49
CA LEU A 210 -5.50 12.23 18.21
C LEU A 210 -4.50 12.38 17.04
N THR A 211 -4.75 11.66 15.94
CA THR A 211 -4.01 11.93 14.70
C THR A 211 -4.97 12.45 13.61
N GLU A 212 -5.40 11.58 12.71
CA GLU A 212 -6.29 11.94 11.60
C GLU A 212 -7.23 10.77 11.33
N GLY A 213 -8.03 10.91 10.29
CA GLY A 213 -8.95 9.82 9.94
C GLY A 213 -8.64 9.28 8.55
N SER A 214 -9.60 8.54 7.99
CA SER A 214 -9.43 7.87 6.71
CA SER A 214 -9.38 7.89 6.71
C SER A 214 -9.51 8.86 5.54
N GLY A 215 -8.45 9.61 5.32
CA GLY A 215 -8.36 10.60 4.25
C GLY A 215 -8.84 12.00 4.60
N PHE A 216 -8.85 12.35 5.89
CA PHE A 216 -9.20 13.73 6.30
C PHE A 216 -8.42 14.07 7.55
N ASN A 217 -8.13 15.36 7.71
CA ASN A 217 -7.57 15.84 8.97
C ASN A 217 -8.71 16.21 9.92
N VAL A 218 -8.41 16.33 11.21
CA VAL A 218 -9.42 16.60 12.22
C VAL A 218 -9.06 17.88 12.93
N VAL A 219 -10.03 18.77 13.10
CA VAL A 219 -9.80 20.03 13.84
C VAL A 219 -10.83 20.10 14.97
N LEU A 220 -10.34 20.32 16.21
CA LEU A 220 -11.25 20.55 17.36
C LEU A 220 -11.34 22.04 17.65
N ILE A 221 -12.50 22.46 18.14
CA ILE A 221 -12.71 23.85 18.58
C ILE A 221 -13.11 23.82 20.06
N LYS A 222 -12.39 24.57 20.88
CA LYS A 222 -12.60 24.55 22.33
C LYS A 222 -12.40 25.97 22.87
N ASP A 223 -13.45 26.54 23.46
CA ASP A 223 -13.42 27.91 24.02
C ASP A 223 -12.89 28.95 23.03
N GLY A 224 -13.41 28.90 21.82
CA GLY A 224 -13.05 29.81 20.73
C GLY A 224 -11.67 29.67 20.10
N VAL A 225 -10.93 28.61 20.43
CA VAL A 225 -9.59 28.37 19.89
C VAL A 225 -9.64 27.05 19.09
N LEU A 226 -8.98 27.00 17.93
CA LEU A 226 -8.95 25.77 17.11
C LEU A 226 -7.67 24.99 17.41
N TYR A 227 -7.76 23.65 17.34
CA TYR A 227 -6.65 22.77 17.65
C TYR A 227 -6.62 21.66 16.60
N THR A 228 -5.43 21.34 16.12
CA THR A 228 -5.27 20.23 15.18
C THR A 228 -3.91 19.56 15.41
N PRO A 229 -3.86 18.22 15.34
CA PRO A 229 -2.61 17.53 15.58
C PRO A 229 -1.45 17.95 14.68
N ASP A 230 -0.26 18.05 15.26
CA ASP A 230 0.95 18.41 14.52
CA ASP A 230 0.94 18.41 14.50
C ASP A 230 1.59 17.18 13.87
N ARG A 231 1.94 16.20 14.71
CA ARG A 231 2.60 14.98 14.29
C ARG A 231 1.64 13.86 13.90
N GLY A 232 2.11 12.95 13.05
CA GLY A 232 1.37 11.71 12.80
C GLY A 232 0.31 11.80 11.70
N VAL A 233 0.30 12.93 10.99
CA VAL A 233 -0.75 13.23 10.04
C VAL A 233 -0.21 13.81 8.73
N LEU A 234 -1.04 13.72 7.70
CA LEU A 234 -0.77 14.43 6.46
C LEU A 234 -0.98 15.92 6.70
N GLN A 235 -0.07 16.76 6.23
CA GLN A 235 -0.31 18.20 6.41
C GLN A 235 -1.18 18.66 5.26
N GLY A 236 -2.50 18.58 5.48
CA GLY A 236 -3.45 18.76 4.38
C GLY A 236 -3.45 20.18 3.85
N ILE A 237 -3.80 20.32 2.58
CA ILE A 237 -3.96 21.62 1.94
CA ILE A 237 -3.92 21.66 2.05
C ILE A 237 -5.28 22.22 2.43
N THR A 238 -6.26 21.37 2.71
CA THR A 238 -7.51 21.88 3.29
C THR A 238 -7.20 22.41 4.71
N ARG A 239 -6.40 21.64 5.44
CA ARG A 239 -5.97 22.06 6.78
C ARG A 239 -5.20 23.40 6.74
N LYS A 240 -4.29 23.51 5.77
CA LYS A 240 -3.57 24.76 5.49
CA LYS A 240 -3.58 24.75 5.50
C LYS A 240 -4.57 25.90 5.28
N SER A 241 -5.60 25.64 4.47
CA SER A 241 -6.64 26.64 4.17
C SER A 241 -7.50 27.00 5.40
N VAL A 242 -7.75 26.01 6.24
CA VAL A 242 -8.40 26.25 7.55
C VAL A 242 -7.53 27.14 8.45
N ILE A 243 -6.22 26.89 8.49
CA ILE A 243 -5.27 27.75 9.21
C ILE A 243 -5.36 29.18 8.67
N ASP A 244 -5.34 29.33 7.33
CA ASP A 244 -5.49 30.63 6.67
C ASP A 244 -6.83 31.28 7.05
N ALA A 245 -7.91 30.52 6.91
CA ALA A 245 -9.27 30.99 7.22
C ALA A 245 -9.44 31.44 8.68
N ALA A 246 -8.88 30.66 9.60
CA ALA A 246 -8.89 30.98 11.02
C ALA A 246 -8.33 32.38 11.22
N ARG A 247 -7.12 32.61 10.68
CA ARG A 247 -6.49 33.90 10.83
CA ARG A 247 -6.46 33.92 10.80
C ARG A 247 -7.29 35.01 10.15
N SER A 248 -7.77 34.76 8.93
CA SER A 248 -8.65 35.70 8.23
C SER A 248 -9.88 36.10 9.08
N CYS A 249 -10.44 35.13 9.80
CA CYS A 249 -11.67 35.33 10.56
C CYS A 249 -11.40 35.85 11.98
N GLY A 250 -10.13 35.92 12.35
CA GLY A 250 -9.72 36.40 13.67
C GLY A 250 -9.76 35.39 14.80
N TYR A 251 -9.52 34.12 14.46
CA TYR A 251 -9.40 33.06 15.45
C TYR A 251 -7.97 32.56 15.53
N GLU A 252 -7.60 32.10 16.72
CA GLU A 252 -6.34 31.42 16.95
CA GLU A 252 -6.33 31.41 16.94
C GLU A 252 -6.51 29.92 16.63
N ILE A 253 -5.47 29.34 16.05
CA ILE A 253 -5.46 27.90 15.72
C ILE A 253 -4.10 27.37 16.13
N ARG A 254 -4.10 26.29 16.91
CA ARG A 254 -2.87 25.71 17.42
CA ARG A 254 -2.87 25.71 17.41
C ARG A 254 -2.63 24.36 16.74
N VAL A 255 -1.43 24.20 16.19
CA VAL A 255 -1.06 22.96 15.51
C VAL A 255 -0.06 22.29 16.44
N GLU A 256 -0.52 21.31 17.21
CA GLU A 256 0.24 20.77 18.33
C GLU A 256 -0.32 19.41 18.72
N HIS A 257 0.28 18.76 19.71
CA HIS A 257 -0.27 17.48 20.20
C HIS A 257 -1.62 17.70 20.82
N VAL A 258 -2.57 16.84 20.46
CA VAL A 258 -3.94 16.96 20.91
C VAL A 258 -4.21 15.63 21.62
N PRO A 259 -4.17 15.62 22.97
N PRO A 259 -4.28 15.65 22.97
CA PRO A 259 -4.55 14.40 23.71
CA PRO A 259 -4.57 14.40 23.70
C PRO A 259 -5.94 13.93 23.28
C PRO A 259 -5.95 13.93 23.28
N ILE A 260 -6.15 12.61 23.21
CA ILE A 260 -7.41 12.13 22.71
C ILE A 260 -8.59 12.62 23.56
N GLU A 261 -8.35 12.82 24.86
CA GLU A 261 -9.38 13.31 25.78
C GLU A 261 -10.03 14.61 25.28
N ALA A 262 -9.26 15.45 24.60
CA ALA A 262 -9.78 16.73 24.08
C ALA A 262 -10.92 16.56 23.09
N THR A 263 -10.96 15.41 22.39
CA THR A 263 -12.02 15.14 21.43
CA THR A 263 -12.05 15.19 21.44
C THR A 263 -13.39 15.12 22.16
N TYR A 264 -13.38 14.55 23.36
CA TYR A 264 -14.60 14.40 24.16
C TYR A 264 -15.02 15.68 24.86
N GLN A 265 -14.10 16.64 24.98
CA GLN A 265 -14.32 17.93 25.66
CA GLN A 265 -14.43 17.89 25.65
C GLN A 265 -14.63 19.05 24.66
N ALA A 266 -14.46 18.77 23.35
CA ALA A 266 -14.59 19.82 22.30
C ALA A 266 -15.96 20.53 22.22
N ASP A 267 -15.95 21.82 21.93
CA ASP A 267 -17.19 22.54 21.62
C ASP A 267 -17.67 22.26 20.18
N GLU A 268 -16.73 22.09 19.26
CA GLU A 268 -17.10 21.76 17.87
C GLU A 268 -15.99 20.88 17.33
N ILE A 269 -16.35 20.09 16.31
CA ILE A 269 -15.39 19.22 15.63
C ILE A 269 -15.67 19.34 14.14
N LEU A 270 -14.61 19.51 13.34
CA LEU A 270 -14.74 19.37 11.89
C LEU A 270 -13.62 18.50 11.34
N MET A 271 -13.93 17.86 10.22
CA MET A 271 -12.94 17.16 9.40
C MET A 271 -12.66 18.03 8.17
N CYS A 272 -11.49 17.90 7.57
CA CYS A 272 -11.19 18.68 6.38
C CYS A 272 -10.40 17.85 5.38
N THR A 273 -10.72 18.03 4.10
CA THR A 273 -10.12 17.24 3.06
C THR A 273 -10.47 17.86 1.74
N THR A 274 -9.62 17.66 0.73
CA THR A 274 -9.90 18.21 -0.61
C THR A 274 -11.20 17.63 -1.14
N ALA A 275 -11.42 16.34 -0.88
CA ALA A 275 -12.63 15.65 -1.38
C ALA A 275 -13.84 15.89 -0.48
N GLY A 276 -14.32 17.13 -0.43
CA GLY A 276 -15.55 17.45 0.29
C GLY A 276 -15.41 18.76 1.07
N GLY A 277 -14.18 19.16 1.37
CA GLY A 277 -13.98 20.47 2.03
C GLY A 277 -14.05 20.41 3.54
N ILE A 278 -15.01 21.15 4.11
CA ILE A 278 -15.10 21.36 5.56
C ILE A 278 -16.32 20.58 6.05
N MET A 279 -16.08 19.53 6.83
CA MET A 279 -17.12 18.52 7.11
C MET A 279 -17.38 18.40 8.61
N PRO A 280 -18.45 19.04 9.10
CA PRO A 280 -18.68 19.04 10.55
C PRO A 280 -19.00 17.66 11.11
N ILE A 281 -18.49 17.38 12.32
CA ILE A 281 -18.86 16.18 13.08
C ILE A 281 -19.68 16.58 14.31
N THR A 282 -20.90 16.06 14.41
CA THR A 282 -21.83 16.43 15.49
C THR A 282 -22.20 15.30 16.47
N THR A 283 -21.81 14.07 16.13
CA THR A 283 -21.89 12.92 17.04
C THR A 283 -20.53 12.23 17.11
N LEU A 284 -20.07 11.97 18.33
CA LEU A 284 -18.84 11.25 18.58
C LEU A 284 -19.08 10.11 19.58
N ASP A 285 -18.73 8.88 19.19
CA ASP A 285 -18.89 7.71 20.09
C ASP A 285 -20.31 7.68 20.65
N ASP A 286 -21.27 7.88 19.76
CA ASP A 286 -22.70 7.80 20.06
C ASP A 286 -23.26 8.92 20.96
N LYS A 287 -22.47 9.95 21.27
CA LYS A 287 -22.90 11.11 22.07
CA LYS A 287 -22.95 11.09 22.04
C LYS A 287 -22.81 12.38 21.23
N PRO A 288 -23.73 13.34 21.45
CA PRO A 288 -23.68 14.62 20.74
CA PRO A 288 -23.68 14.63 20.75
C PRO A 288 -22.38 15.37 21.05
N VAL A 289 -21.88 16.09 20.05
CA VAL A 289 -20.77 17.01 20.30
C VAL A 289 -21.48 18.28 20.78
N LYS A 290 -21.28 18.59 22.06
CA LYS A 290 -22.00 19.65 22.77
CA LYS A 290 -21.98 19.70 22.72
C LYS A 290 -23.50 19.54 22.52
N ASP A 291 -24.13 20.47 21.80
CA ASP A 291 -25.56 20.41 21.54
C ASP A 291 -25.95 19.61 20.29
N GLY A 292 -24.96 18.96 19.67
CA GLY A 292 -25.22 18.16 18.47
C GLY A 292 -25.56 18.93 17.20
N LYS A 293 -25.27 20.24 17.18
CA LYS A 293 -25.50 21.07 15.98
C LYS A 293 -24.18 21.61 15.44
N VAL A 294 -24.16 21.98 14.16
CA VAL A 294 -22.94 22.53 13.55
C VAL A 294 -22.68 23.89 14.22
N GLY A 295 -21.48 24.05 14.76
CA GLY A 295 -21.10 25.19 15.57
C GLY A 295 -20.81 26.45 14.77
N PRO A 296 -20.78 27.61 15.47
CA PRO A 296 -20.60 28.88 14.76
C PRO A 296 -19.19 29.07 14.16
N ILE A 297 -18.16 28.63 14.87
CA ILE A 297 -16.79 28.79 14.37
C ILE A 297 -16.58 27.88 13.15
N THR A 298 -17.10 26.66 13.21
CA THR A 298 -17.12 25.75 12.04
C THR A 298 -17.76 26.46 10.82
N LYS A 299 -18.91 27.08 11.02
CA LYS A 299 -19.60 27.78 9.93
C LYS A 299 -18.83 28.99 9.37
N ALA A 300 -18.10 29.68 10.24
CA ALA A 300 -17.24 30.78 9.78
C ALA A 300 -16.08 30.25 8.89
N ILE A 301 -15.43 29.19 9.37
CA ILE A 301 -14.35 28.52 8.64
C ILE A 301 -14.87 28.02 7.29
N TRP A 302 -16.04 27.38 7.35
CA TRP A 302 -16.72 26.85 6.16
C TRP A 302 -16.88 27.93 5.07
N ASP A 303 -17.46 29.06 5.42
CA ASP A 303 -17.71 30.11 4.45
C ASP A 303 -16.41 30.66 3.88
N ARG A 304 -15.41 30.87 4.74
CA ARG A 304 -14.15 31.48 4.30
C ARG A 304 -13.37 30.53 3.35
N TYR A 305 -13.35 29.25 3.71
CA TYR A 305 -12.73 28.21 2.90
C TYR A 305 -13.29 28.26 1.48
N TRP A 306 -14.62 28.29 1.35
CA TRP A 306 -15.24 28.34 0.06
C TRP A 306 -15.04 29.66 -0.66
N ALA A 307 -15.08 30.79 0.07
CA ALA A 307 -14.80 32.08 -0.57
C ALA A 307 -13.40 32.11 -1.22
N MET A 308 -12.43 31.43 -0.61
CA MET A 308 -11.06 31.38 -1.16
C MET A 308 -11.02 30.79 -2.58
N HIS A 309 -12.04 30.02 -2.93
CA HIS A 309 -12.07 29.34 -4.22
C HIS A 309 -12.27 30.27 -5.41
N TRP A 310 -12.72 31.50 -5.14
CA TRP A 310 -12.90 32.51 -6.19
C TRP A 310 -11.87 33.65 -6.11
N GLU A 311 -10.87 33.51 -5.25
CA GLU A 311 -9.81 34.51 -5.11
C GLU A 311 -8.55 34.12 -5.86
N ASP A 312 -8.00 35.08 -6.59
CA ASP A 312 -6.79 34.84 -7.40
C ASP A 312 -5.60 34.33 -6.62
N GLU A 313 -5.42 34.77 -5.38
CA GLU A 313 -4.33 34.27 -4.57
C GLU A 313 -4.36 32.73 -4.45
N PHE A 314 -5.56 32.15 -4.42
CA PHE A 314 -5.72 30.72 -4.13
C PHE A 314 -6.22 29.87 -5.28
N SER A 315 -6.50 30.49 -6.42
CA SER A 315 -7.16 29.77 -7.52
C SER A 315 -6.87 30.42 -8.86
N PHE A 316 -7.02 29.65 -9.95
CA PHE A 316 -6.97 30.22 -11.30
C PHE A 316 -8.04 29.61 -12.21
N LYS A 317 -8.52 30.43 -13.15
CA LYS A 317 -9.62 30.06 -14.04
CA LYS A 317 -9.62 30.04 -14.01
C LYS A 317 -9.14 29.20 -15.20
N ILE A 318 -9.77 28.05 -15.40
CA ILE A 318 -9.51 27.21 -16.56
C ILE A 318 -10.33 27.68 -17.76
N ASN A 319 -9.71 27.70 -18.93
CA ASN A 319 -10.43 28.08 -20.16
C ASN A 319 -11.03 26.81 -20.77
N TYR A 320 -12.35 26.71 -20.83
CA TYR A 320 -13.00 25.50 -21.38
C TYR A 320 -13.24 25.56 -22.89
N LEU A 321 -13.02 26.72 -23.51
CA LEU A 321 -13.30 26.90 -24.93
C LEU A 321 -12.16 26.36 -25.80
N GLU A 322 -12.49 25.58 -26.83
CA GLU A 322 -11.47 24.97 -27.71
C GLU A 322 -11.52 25.50 -29.13
N MET B 1 18.69 -35.19 -4.74
CA MET B 1 19.00 -33.73 -4.91
C MET B 1 18.76 -32.94 -3.61
N ALA B 2 19.84 -32.57 -2.91
CA ALA B 2 19.75 -31.48 -1.89
C ALA B 2 21.05 -30.88 -1.26
N THR B 3 22.23 -31.26 -1.73
CA THR B 3 23.41 -30.40 -1.47
C THR B 3 23.21 -29.17 -2.36
N MET B 4 23.85 -28.05 -2.04
CA MET B 4 23.74 -26.86 -2.91
C MET B 4 24.11 -27.18 -4.32
N ASP B 5 25.21 -27.93 -4.51
CA ASP B 5 25.66 -28.20 -5.86
C ASP B 5 24.62 -28.93 -6.68
N LYS B 6 24.00 -29.93 -6.06
CA LYS B 6 23.02 -30.74 -6.79
CA LYS B 6 23.02 -30.75 -6.75
C LYS B 6 21.75 -29.95 -7.08
N VAL B 7 21.27 -29.21 -6.08
CA VAL B 7 20.04 -28.42 -6.27
C VAL B 7 20.25 -27.37 -7.37
N PHE B 8 21.37 -26.66 -7.30
CA PHE B 8 21.67 -25.61 -8.25
C PHE B 8 22.04 -26.15 -9.64
N ALA B 9 22.62 -27.35 -9.73
CA ALA B 9 22.89 -27.92 -11.07
C ALA B 9 21.62 -28.23 -11.82
N GLY B 10 20.62 -28.75 -11.09
CA GLY B 10 19.32 -29.06 -11.68
C GLY B 10 18.67 -27.77 -12.17
N TYR B 11 18.67 -26.75 -11.30
CA TYR B 11 18.15 -25.43 -11.68
C TYR B 11 18.85 -24.91 -12.93
N ALA B 12 20.19 -24.92 -12.92
CA ALA B 12 20.97 -24.41 -14.06
C ALA B 12 20.59 -25.11 -15.38
N GLU B 13 20.43 -26.43 -15.35
CA GLU B 13 20.06 -27.22 -16.53
CA GLU B 13 20.05 -27.22 -16.54
C GLU B 13 18.69 -26.80 -17.06
N ARG B 14 17.71 -26.72 -16.16
CA ARG B 14 16.36 -26.31 -16.54
C ARG B 14 16.33 -24.87 -17.01
N GLN B 15 17.10 -24.02 -16.35
CA GLN B 15 17.14 -22.59 -16.69
CA GLN B 15 17.20 -22.58 -16.69
C GLN B 15 17.71 -22.35 -18.11
N ALA B 16 18.69 -23.17 -18.50
CA ALA B 16 19.31 -23.05 -19.83
C ALA B 16 18.30 -23.33 -20.92
N VAL B 17 17.47 -24.36 -20.72
CA VAL B 17 16.39 -24.67 -21.64
C VAL B 17 15.40 -23.50 -21.67
N LEU B 18 15.03 -23.01 -20.50
CA LEU B 18 14.05 -21.91 -20.43
C LEU B 18 14.59 -20.64 -21.11
N GLU B 19 15.85 -20.29 -20.88
CA GLU B 19 16.40 -19.08 -21.50
CA GLU B 19 16.49 -19.12 -21.50
C GLU B 19 16.48 -19.19 -23.03
N ALA B 20 16.50 -20.43 -23.55
CA ALA B 20 16.53 -20.67 -24.99
C ALA B 20 15.14 -20.71 -25.63
N SER B 21 14.10 -20.68 -24.80
CA SER B 21 12.73 -20.82 -25.29
C SER B 21 12.28 -19.65 -26.15
N LYS B 22 11.51 -19.97 -27.20
CA LYS B 22 10.90 -18.96 -28.04
C LYS B 22 9.42 -18.82 -27.72
N ASN B 23 8.95 -19.57 -26.71
CA ASN B 23 7.56 -19.49 -26.25
C ASN B 23 7.27 -18.06 -25.74
N PRO B 24 6.26 -17.38 -26.29
CA PRO B 24 5.96 -16.00 -25.81
C PRO B 24 5.56 -15.93 -24.31
N LEU B 25 5.20 -17.07 -23.71
CA LEU B 25 4.88 -17.14 -22.28
C LEU B 25 6.05 -17.56 -21.40
N ALA B 26 7.22 -17.77 -21.98
CA ALA B 26 8.39 -18.22 -21.20
C ALA B 26 8.86 -17.20 -20.17
N LYS B 27 8.63 -15.91 -20.42
CA LYS B 27 8.97 -14.86 -19.43
C LYS B 27 7.86 -14.65 -18.39
N GLY B 28 6.80 -15.45 -18.50
CA GLY B 28 5.71 -15.42 -17.54
C GLY B 28 4.38 -15.17 -18.19
N VAL B 29 3.33 -15.40 -17.42
CA VAL B 29 1.98 -15.30 -17.94
C VAL B 29 1.08 -14.80 -16.82
N ALA B 30 0.11 -13.96 -17.17
CA ALA B 30 -0.84 -13.44 -16.21
C ALA B 30 -2.26 -13.86 -16.61
N TRP B 31 -3.11 -14.00 -15.60
CA TRP B 31 -4.54 -14.24 -15.76
C TRP B 31 -5.26 -12.97 -15.32
N ILE B 32 -5.96 -12.36 -16.27
CA ILE B 32 -6.64 -11.08 -16.07
C ILE B 32 -8.08 -11.28 -16.55
N GLN B 33 -9.04 -11.26 -15.61
CA GLN B 33 -10.46 -11.45 -15.92
C GLN B 33 -10.70 -12.59 -16.90
N GLY B 34 -10.14 -13.76 -16.59
CA GLY B 34 -10.40 -14.97 -17.37
C GLY B 34 -9.58 -15.16 -18.64
N GLU B 35 -8.65 -14.26 -18.92
CA GLU B 35 -7.80 -14.33 -20.12
CA GLU B 35 -7.80 -14.40 -20.11
C GLU B 35 -6.32 -14.46 -19.73
N LEU B 36 -5.55 -15.26 -20.48
CA LEU B 36 -4.09 -15.36 -20.28
C LEU B 36 -3.39 -14.39 -21.18
N VAL B 37 -2.41 -13.67 -20.64
CA VAL B 37 -1.63 -12.70 -21.40
CA VAL B 37 -1.67 -12.61 -21.33
C VAL B 37 -0.18 -12.77 -21.00
N PRO B 38 0.74 -12.50 -21.96
CA PRO B 38 2.15 -12.52 -21.53
C PRO B 38 2.37 -11.52 -20.39
N LEU B 39 3.22 -11.89 -19.43
CA LEU B 39 3.34 -11.16 -18.19
C LEU B 39 3.64 -9.67 -18.40
N HIS B 40 4.61 -9.39 -19.26
CA HIS B 40 5.04 -8.02 -19.50
C HIS B 40 4.04 -7.17 -20.28
N GLU B 41 3.03 -7.82 -20.83
CA GLU B 41 1.93 -7.10 -21.49
C GLU B 41 0.69 -6.95 -20.63
N ALA B 42 0.69 -7.55 -19.44
CA ALA B 42 -0.51 -7.57 -18.60
C ALA B 42 -0.85 -6.20 -18.05
N ARG B 43 -2.14 -5.87 -18.01
CA ARG B 43 -2.62 -4.60 -17.49
CA ARG B 43 -2.64 -4.58 -17.52
C ARG B 43 -3.85 -4.79 -16.62
N ILE B 44 -4.01 -3.92 -15.61
CA ILE B 44 -5.15 -3.99 -14.68
C ILE B 44 -5.90 -2.64 -14.68
N PRO B 45 -7.19 -2.62 -14.26
CA PRO B 45 -7.94 -1.34 -14.28
C PRO B 45 -7.30 -0.32 -13.34
N LEU B 46 -7.12 0.92 -13.81
CA LEU B 46 -6.62 2.01 -12.98
CA LEU B 46 -6.58 1.96 -12.96
C LEU B 46 -7.41 2.13 -11.67
N LEU B 47 -8.72 1.96 -11.79
CA LEU B 47 -9.62 2.16 -10.65
C LEU B 47 -9.69 0.97 -9.70
N ASP B 48 -8.94 -0.09 -9.98
CA ASP B 48 -8.95 -1.22 -9.04
C ASP B 48 -8.41 -0.74 -7.71
N GLN B 49 -9.16 -0.98 -6.62
CA GLN B 49 -8.76 -0.55 -5.28
C GLN B 49 -7.47 -1.21 -4.79
N GLY B 50 -7.06 -2.32 -5.41
CA GLY B 50 -5.73 -2.90 -5.15
C GLY B 50 -4.65 -1.90 -5.52
N PHE B 51 -4.91 -1.09 -6.54
CA PHE B 51 -3.99 0.01 -6.88
C PHE B 51 -4.36 1.29 -6.11
N MET B 52 -5.64 1.67 -6.14
CA MET B 52 -6.06 2.96 -5.60
CA MET B 52 -6.09 2.97 -5.60
C MET B 52 -5.81 3.13 -4.10
N HIS B 53 -5.90 2.01 -3.33
CA HIS B 53 -5.64 2.06 -1.87
C HIS B 53 -4.89 0.85 -1.33
N SER B 54 -4.10 0.20 -2.22
CA SER B 54 -3.45 -1.10 -1.90
C SER B 54 -4.38 -1.98 -1.05
N ASP B 55 -5.66 -2.04 -1.44
CA ASP B 55 -6.63 -2.69 -0.60
C ASP B 55 -6.79 -4.13 -1.11
N LEU B 56 -5.86 -4.97 -0.65
CA LEU B 56 -5.68 -6.31 -1.19
C LEU B 56 -4.94 -7.17 -0.20
N THR B 57 -5.02 -8.48 -0.42
CA THR B 57 -4.04 -9.41 0.11
C THR B 57 -3.50 -10.24 -1.05
N TYR B 58 -2.44 -11.01 -0.81
CA TYR B 58 -1.83 -11.79 -1.89
C TYR B 58 -1.12 -12.99 -1.29
N ASP B 59 -0.69 -13.91 -2.15
CA ASP B 59 0.17 -14.98 -1.69
C ASP B 59 1.04 -15.45 -2.83
N VAL B 60 2.21 -16.04 -2.50
CA VAL B 60 3.20 -16.42 -3.51
C VAL B 60 3.68 -17.85 -3.25
N PRO B 61 2.97 -18.83 -3.83
CA PRO B 61 3.54 -20.18 -3.83
C PRO B 61 4.61 -20.28 -4.93
N SER B 62 5.11 -21.47 -5.19
CA SER B 62 6.22 -21.63 -6.13
C SER B 62 6.17 -23.01 -6.74
N VAL B 63 6.91 -23.16 -7.84
CA VAL B 63 7.06 -24.43 -8.49
C VAL B 63 8.58 -24.66 -8.58
N TRP B 64 9.02 -25.88 -8.27
CA TRP B 64 10.43 -26.20 -8.34
C TRP B 64 10.58 -27.54 -9.05
N ASP B 65 11.44 -27.60 -10.08
CA ASP B 65 11.57 -28.83 -10.91
C ASP B 65 10.20 -29.39 -11.33
N GLY B 66 9.30 -28.51 -11.75
CA GLY B 66 7.97 -28.92 -12.24
C GLY B 66 7.02 -29.41 -11.15
N ARG B 67 7.33 -29.12 -9.88
CA ARG B 67 6.50 -29.57 -8.74
C ARG B 67 6.02 -28.36 -7.92
N PHE B 68 4.70 -28.18 -7.82
CA PHE B 68 4.17 -27.14 -6.90
C PHE B 68 4.57 -27.43 -5.46
N PHE B 69 5.12 -26.43 -4.76
CA PHE B 69 5.57 -26.63 -3.39
C PHE B 69 4.57 -26.05 -2.36
N ARG B 70 4.02 -26.94 -1.52
CA ARG B 70 3.07 -26.57 -0.44
C ARG B 70 1.93 -25.67 -0.90
N LEU B 71 1.37 -25.94 -2.07
CA LEU B 71 0.37 -25.05 -2.64
C LEU B 71 -0.84 -24.88 -1.71
N GLU B 72 -1.32 -25.98 -1.12
CA GLU B 72 -2.48 -25.87 -0.22
C GLU B 72 -2.20 -24.99 0.98
N ASP B 73 -0.97 -25.00 1.52
CA ASP B 73 -0.65 -24.12 2.64
C ASP B 73 -0.78 -22.66 2.21
N HIS B 74 -0.29 -22.34 1.02
CA HIS B 74 -0.40 -20.98 0.48
C HIS B 74 -1.86 -20.61 0.24
N LEU B 75 -2.63 -21.53 -0.32
CA LEU B 75 -4.02 -21.23 -0.59
C LEU B 75 -4.85 -21.08 0.72
N ASN B 76 -4.55 -21.90 1.73
CA ASN B 76 -5.21 -21.74 3.02
C ASN B 76 -4.81 -20.42 3.70
N ARG B 77 -3.53 -20.03 3.56
CA ARG B 77 -3.12 -18.75 4.14
C ARG B 77 -3.83 -17.60 3.42
N LEU B 78 -3.95 -17.70 2.09
CA LEU B 78 -4.64 -16.66 1.33
C LEU B 78 -6.13 -16.55 1.75
N GLU B 79 -6.78 -17.70 1.95
CA GLU B 79 -8.18 -17.72 2.39
CA GLU B 79 -8.18 -17.74 2.38
C GLU B 79 -8.33 -17.05 3.75
N ALA B 80 -7.40 -17.37 4.66
CA ALA B 80 -7.38 -16.79 6.00
C ALA B 80 -7.17 -15.28 5.94
N SER B 81 -6.25 -14.83 5.09
CA SER B 81 -5.97 -13.41 4.91
C SER B 81 -7.23 -12.73 4.36
N CYS B 82 -7.88 -13.36 3.38
CA CYS B 82 -9.10 -12.81 2.81
C CYS B 82 -10.17 -12.65 3.87
N LYS B 83 -10.41 -13.69 4.69
CA LYS B 83 -11.42 -13.62 5.74
CA LYS B 83 -11.44 -13.59 5.72
C LYS B 83 -11.14 -12.42 6.66
N LYS B 84 -9.89 -12.28 7.09
CA LYS B 84 -9.51 -11.15 7.98
C LYS B 84 -9.79 -9.78 7.34
N MET B 85 -9.73 -9.72 6.03
CA MET B 85 -9.91 -8.47 5.30
C MET B 85 -11.32 -8.26 4.79
N ARG B 86 -12.18 -9.26 5.01
CA ARG B 86 -13.56 -9.22 4.50
C ARG B 86 -13.59 -9.30 2.98
N LEU B 87 -12.60 -9.99 2.41
CA LEU B 87 -12.55 -10.30 0.99
C LEU B 87 -12.93 -11.75 0.84
N ARG B 88 -13.29 -12.13 -0.37
CA ARG B 88 -13.61 -13.52 -0.69
CA ARG B 88 -13.58 -13.53 -0.67
C ARG B 88 -12.93 -13.90 -2.00
N MET B 89 -12.29 -15.08 -2.04
CA MET B 89 -11.70 -15.63 -3.26
CA MET B 89 -11.68 -15.55 -3.27
C MET B 89 -12.75 -15.58 -4.37
N PRO B 90 -12.47 -14.89 -5.48
CA PRO B 90 -13.50 -14.79 -6.53
C PRO B 90 -13.76 -16.09 -7.36
N LEU B 91 -12.89 -17.08 -7.24
CA LEU B 91 -13.01 -18.35 -7.97
C LEU B 91 -12.91 -19.43 -6.92
N PRO B 92 -13.63 -20.55 -7.10
CA PRO B 92 -13.49 -21.65 -6.15
C PRO B 92 -12.12 -22.33 -6.34
N ARG B 93 -11.68 -23.05 -5.32
CA ARG B 93 -10.30 -23.54 -5.30
C ARG B 93 -9.96 -24.46 -6.46
N GLU B 94 -10.89 -25.33 -6.87
CA GLU B 94 -10.54 -26.24 -7.97
C GLU B 94 -10.29 -25.45 -9.26
N GLU B 95 -10.98 -24.32 -9.45
CA GLU B 95 -10.74 -23.49 -10.63
CA GLU B 95 -10.77 -23.48 -10.61
C GLU B 95 -9.44 -22.71 -10.50
N VAL B 96 -9.14 -22.23 -9.29
CA VAL B 96 -7.84 -21.55 -9.05
C VAL B 96 -6.68 -22.47 -9.43
N ILE B 97 -6.71 -23.69 -8.90
CA ILE B 97 -5.61 -24.64 -9.13
C ILE B 97 -5.56 -25.04 -10.60
N LYS B 98 -6.71 -25.35 -11.19
CA LYS B 98 -6.76 -25.73 -12.59
C LYS B 98 -6.12 -24.66 -13.45
N THR B 99 -6.43 -23.40 -13.14
CA THR B 99 -5.93 -22.27 -13.91
C THR B 99 -4.42 -22.09 -13.70
N LEU B 100 -3.98 -22.18 -12.44
CA LEU B 100 -2.53 -22.04 -12.15
C LEU B 100 -1.70 -23.11 -12.88
N VAL B 101 -2.14 -24.36 -12.83
CA VAL B 101 -1.40 -25.46 -13.43
CA VAL B 101 -1.33 -25.42 -13.43
C VAL B 101 -1.38 -25.32 -14.96
N ASP B 102 -2.51 -24.90 -15.52
CA ASP B 102 -2.56 -24.61 -16.96
C ASP B 102 -1.58 -23.49 -17.38
N MET B 103 -1.56 -22.41 -16.59
CA MET B 103 -0.62 -21.30 -16.81
C MET B 103 0.84 -21.77 -16.77
N VAL B 104 1.17 -22.59 -15.78
CA VAL B 104 2.54 -23.08 -15.62
C VAL B 104 2.88 -23.97 -16.83
N ALA B 105 1.99 -24.88 -17.16
CA ALA B 105 2.21 -25.81 -18.28
C ALA B 105 2.41 -25.04 -19.57
N LYS B 106 1.54 -24.05 -19.84
CA LYS B 106 1.62 -23.29 -21.09
CA LYS B 106 1.63 -23.29 -21.08
C LYS B 106 2.92 -22.50 -21.21
N SER B 107 3.46 -22.04 -20.07
CA SER B 107 4.67 -21.23 -20.05
C SER B 107 5.91 -22.08 -20.26
N GLY B 108 5.82 -23.38 -19.93
CA GLY B 108 7.02 -24.24 -19.89
C GLY B 108 7.96 -24.01 -18.72
N ILE B 109 7.64 -23.05 -17.84
CA ILE B 109 8.53 -22.73 -16.70
C ILE B 109 8.53 -23.85 -15.66
N ARG B 110 9.74 -24.39 -15.35
CA ARG B 110 9.86 -25.50 -14.40
C ARG B 110 10.15 -24.98 -12.99
N ASP B 111 10.78 -23.82 -12.87
CA ASP B 111 11.07 -23.24 -11.58
C ASP B 111 10.44 -21.86 -11.61
N ALA B 112 9.37 -21.71 -10.84
CA ALA B 112 8.43 -20.56 -11.00
C ALA B 112 8.12 -19.90 -9.67
N PHE B 113 8.01 -18.57 -9.77
CA PHE B 113 7.41 -17.70 -8.77
C PHE B 113 5.96 -17.54 -9.22
N VAL B 114 5.03 -17.82 -8.31
CA VAL B 114 3.59 -17.82 -8.65
C VAL B 114 2.90 -16.84 -7.69
N GLU B 115 2.14 -15.88 -8.19
CA GLU B 115 1.49 -14.93 -7.29
C GLU B 115 -0.02 -14.85 -7.54
N LEU B 116 -0.78 -14.84 -6.44
CA LEU B 116 -2.23 -14.60 -6.49
C LEU B 116 -2.52 -13.32 -5.70
N ILE B 117 -3.34 -12.43 -6.26
CA ILE B 117 -3.72 -11.19 -5.58
C ILE B 117 -5.25 -11.10 -5.55
N VAL B 118 -5.80 -10.86 -4.36
CA VAL B 118 -7.26 -10.62 -4.27
C VAL B 118 -7.44 -9.19 -3.80
N THR B 119 -8.13 -8.38 -4.61
CA THR B 119 -8.32 -6.97 -4.27
C THR B 119 -9.79 -6.70 -3.93
N ARG B 120 -10.02 -5.57 -3.30
CA ARG B 120 -11.40 -5.17 -2.96
C ARG B 120 -12.29 -5.05 -4.19
N GLY B 121 -11.69 -4.74 -5.33
CA GLY B 121 -12.41 -4.58 -6.60
C GLY B 121 -12.51 -3.12 -6.99
N LEU B 122 -13.58 -2.78 -7.70
CA LEU B 122 -13.71 -1.42 -8.26
C LEU B 122 -14.40 -0.40 -7.36
N THR B 123 -14.98 -0.85 -6.26
CA THR B 123 -15.67 0.03 -5.32
C THR B 123 -14.85 0.12 -4.03
N GLY B 124 -14.47 1.34 -3.67
CA GLY B 124 -13.69 1.56 -2.44
C GLY B 124 -14.52 1.42 -1.18
N VAL B 125 -13.86 1.03 -0.10
CA VAL B 125 -14.52 0.89 1.21
C VAL B 125 -15.08 2.24 1.69
N ARG B 126 -14.34 3.32 1.46
CA ARG B 126 -14.74 4.63 1.98
C ARG B 126 -16.07 5.05 1.32
N GLY B 127 -17.10 5.22 2.15
CA GLY B 127 -18.39 5.68 1.65
C GLY B 127 -19.30 4.57 1.18
N ALA B 128 -18.87 3.32 1.31
CA ALA B 128 -19.71 2.19 0.84
C ALA B 128 -20.41 1.44 1.97
N LYS B 129 -21.50 0.76 1.62
CA LYS B 129 -22.16 -0.18 2.53
CA LYS B 129 -22.16 -0.18 2.53
C LYS B 129 -21.51 -1.54 2.32
N PRO B 130 -21.48 -2.41 3.36
CA PRO B 130 -20.84 -3.73 3.20
C PRO B 130 -21.30 -4.51 1.96
N GLU B 131 -22.58 -4.45 1.64
CA GLU B 131 -23.12 -5.18 0.47
C GLU B 131 -22.63 -4.67 -0.89
N GLU B 132 -21.96 -3.52 -0.90
CA GLU B 132 -21.45 -2.94 -2.13
C GLU B 132 -19.98 -3.32 -2.34
N LEU B 133 -19.45 -4.10 -1.41
CA LEU B 133 -18.01 -4.36 -1.40
C LEU B 133 -17.71 -5.85 -1.64
N LEU B 134 -18.62 -6.54 -2.35
CA LEU B 134 -18.49 -8.00 -2.48
C LEU B 134 -17.95 -8.49 -3.82
N ASN B 135 -17.77 -7.57 -4.75
CA ASN B 135 -17.28 -7.87 -6.07
CA ASN B 135 -17.28 -7.89 -6.06
C ASN B 135 -15.77 -7.70 -6.09
N ASN B 136 -15.07 -8.63 -5.45
CA ASN B 136 -13.61 -8.57 -5.33
C ASN B 136 -12.93 -9.09 -6.59
N ASN B 137 -11.74 -8.60 -6.89
CA ASN B 137 -11.03 -8.99 -8.09
C ASN B 137 -9.89 -9.92 -7.79
N LEU B 138 -9.63 -10.83 -8.73
CA LEU B 138 -8.49 -11.74 -8.61
C LEU B 138 -7.49 -11.51 -9.76
N TYR B 139 -6.21 -11.47 -9.41
CA TYR B 139 -5.15 -11.42 -10.43
C TYR B 139 -4.19 -12.55 -10.10
N MET B 140 -3.72 -13.27 -11.12
CA MET B 140 -2.72 -14.29 -10.87
C MET B 140 -1.62 -14.19 -11.92
N PHE B 141 -0.41 -14.54 -11.54
CA PHE B 141 0.66 -14.62 -12.53
C PHE B 141 1.75 -15.57 -12.13
N ILE B 142 2.48 -16.00 -13.16
CA ILE B 142 3.67 -16.77 -12.91
CA ILE B 142 3.65 -16.87 -13.03
C ILE B 142 4.83 -16.13 -13.64
N GLN B 143 6.01 -16.25 -13.07
CA GLN B 143 7.21 -15.77 -13.72
C GLN B 143 8.36 -16.71 -13.34
N PRO B 144 9.50 -16.58 -14.02
CA PRO B 144 10.66 -17.38 -13.64
C PRO B 144 11.01 -17.17 -12.19
N TYR B 145 11.40 -18.25 -11.53
CA TYR B 145 11.76 -18.20 -10.11
C TYR B 145 12.66 -16.98 -9.78
N VAL B 146 12.31 -16.27 -8.72
CA VAL B 146 13.00 -15.05 -8.29
C VAL B 146 13.87 -15.36 -7.07
N TRP B 147 15.11 -14.85 -7.10
CA TRP B 147 16.06 -15.03 -5.98
C TRP B 147 16.25 -13.75 -5.18
N VAL B 148 15.76 -13.75 -3.94
CA VAL B 148 16.06 -12.65 -3.01
C VAL B 148 17.57 -12.70 -2.60
N MET B 149 18.14 -13.89 -2.67
CA MET B 149 19.61 -14.09 -2.59
C MET B 149 20.01 -15.03 -3.74
N ASP B 150 20.87 -14.55 -4.64
CA ASP B 150 21.32 -15.37 -5.75
C ASP B 150 22.01 -16.66 -5.25
N PRO B 151 21.90 -17.73 -6.01
CA PRO B 151 22.57 -19.00 -5.65
C PRO B 151 24.04 -18.81 -5.20
N ASP B 152 24.82 -18.01 -5.93
CA ASP B 152 26.25 -17.92 -5.60
C ASP B 152 26.43 -17.27 -4.24
N VAL B 153 25.55 -16.32 -3.89
CA VAL B 153 25.68 -15.67 -2.61
C VAL B 153 25.28 -16.60 -1.47
N GLN B 154 24.37 -17.55 -1.75
CA GLN B 154 23.95 -18.49 -0.70
C GLN B 154 25.12 -19.37 -0.16
N TYR B 155 26.16 -19.57 -0.98
CA TYR B 155 27.39 -20.27 -0.56
C TYR B 155 28.15 -19.52 0.53
N THR B 156 28.17 -18.19 0.43
CA THR B 156 28.96 -17.38 1.34
CA THR B 156 28.95 -17.31 1.29
C THR B 156 28.14 -16.67 2.41
N GLY B 157 26.84 -16.47 2.16
CA GLY B 157 26.00 -15.70 3.08
C GLY B 157 26.04 -14.23 2.65
N GLY B 158 25.00 -13.50 3.03
CA GLY B 158 24.90 -12.07 2.68
C GLY B 158 25.15 -11.10 3.80
N ARG B 159 25.00 -9.80 3.48
CA ARG B 159 25.25 -8.69 4.39
C ARG B 159 23.94 -8.07 4.83
N ALA B 160 23.71 -8.02 6.14
CA ALA B 160 22.51 -7.39 6.69
C ALA B 160 22.82 -6.26 7.64
N ILE B 161 21.85 -5.38 7.82
CA ILE B 161 21.89 -4.43 8.90
C ILE B 161 20.62 -4.52 9.72
N VAL B 162 20.73 -4.17 11.00
CA VAL B 162 19.54 -3.89 11.80
C VAL B 162 19.19 -2.44 11.49
N ALA B 163 18.00 -2.24 10.93
CA ALA B 163 17.58 -0.89 10.55
C ALA B 163 17.46 0.01 11.76
N ARG B 164 18.00 1.22 11.66
CA ARG B 164 17.89 2.18 12.77
C ARG B 164 17.04 3.40 12.42
N THR B 165 16.70 3.58 11.15
CA THR B 165 15.92 4.77 10.73
C THR B 165 14.45 4.46 10.47
N VAL B 166 14.08 3.20 10.61
CA VAL B 166 12.70 2.75 10.32
C VAL B 166 12.41 1.58 11.23
N ARG B 167 11.13 1.38 11.60
CA ARG B 167 10.72 0.17 12.32
C ARG B 167 9.48 -0.44 11.66
N ARG B 168 9.18 -1.70 11.99
CA ARG B 168 8.10 -2.44 11.36
C ARG B 168 6.74 -1.83 11.71
N VAL B 169 5.85 -1.77 10.72
CA VAL B 169 4.48 -1.37 10.98
C VAL B 169 3.90 -2.28 12.08
N PRO B 170 3.34 -1.69 13.17
CA PRO B 170 2.87 -2.53 14.28
C PRO B 170 1.57 -3.24 13.93
N PRO B 171 1.36 -4.44 14.50
CA PRO B 171 0.13 -5.18 14.22
C PRO B 171 -1.17 -4.41 14.49
N GLY B 172 -1.16 -3.46 15.42
CA GLY B 172 -2.37 -2.66 15.71
C GLY B 172 -2.64 -1.60 14.64
N SER B 173 -1.76 -1.45 13.65
CA SER B 173 -2.05 -0.66 12.45
C SER B 173 -2.41 -1.59 11.30
N ILE B 174 -1.53 -2.54 11.00
CA ILE B 174 -1.77 -3.55 9.94
C ILE B 174 -1.28 -4.89 10.49
N ASP B 175 -2.16 -5.89 10.49
CA ASP B 175 -1.85 -7.22 11.00
C ASP B 175 -0.85 -7.87 10.04
N PRO B 176 0.40 -8.11 10.51
CA PRO B 176 1.41 -8.60 9.57
C PRO B 176 1.23 -10.05 9.16
N THR B 177 0.31 -10.76 9.81
CA THR B 177 0.00 -12.13 9.38
C THR B 177 -0.91 -12.14 8.15
N ILE B 178 -1.47 -10.97 7.80
CA ILE B 178 -2.22 -10.82 6.54
C ILE B 178 -1.19 -10.38 5.50
N LYS B 179 -0.87 -11.25 4.55
CA LYS B 179 0.17 -10.94 3.56
C LYS B 179 -0.29 -9.75 2.77
N ASN B 180 0.54 -8.70 2.68
CA ASN B 180 0.09 -7.47 2.00
C ASN B 180 1.22 -6.76 1.26
N LEU B 181 0.86 -5.79 0.41
CA LEU B 181 1.83 -5.15 -0.47
C LEU B 181 2.07 -3.71 -0.03
N GLN B 182 1.72 -3.40 1.22
CA GLN B 182 1.95 -2.05 1.76
C GLN B 182 3.35 -2.01 2.35
N TRP B 183 4.32 -1.84 1.44
CA TRP B 183 5.71 -2.00 1.80
C TRP B 183 6.43 -0.70 2.23
N GLY B 184 5.71 0.30 2.72
CA GLY B 184 6.37 1.60 3.00
C GLY B 184 7.58 1.48 3.94
N ASP B 185 7.42 0.71 5.02
CA ASP B 185 8.55 0.49 5.96
C ASP B 185 9.63 -0.37 5.35
N LEU B 186 9.23 -1.41 4.61
CA LEU B 186 10.18 -2.37 4.04
C LEU B 186 11.05 -1.73 2.98
N VAL B 187 10.44 -0.85 2.17
CA VAL B 187 11.21 -0.08 1.18
C VAL B 187 12.17 0.92 1.85
N ARG B 188 11.70 1.62 2.88
CA ARG B 188 12.63 2.47 3.69
C ARG B 188 13.81 1.63 4.20
N GLY B 189 13.51 0.43 4.71
CA GLY B 189 14.58 -0.50 5.18
C GLY B 189 15.56 -0.85 4.07
N LEU B 190 15.04 -1.12 2.87
CA LEU B 190 15.90 -1.44 1.73
C LEU B 190 16.86 -0.29 1.36
N PHE B 191 16.33 0.93 1.33
CA PHE B 191 17.16 2.09 1.05
C PHE B 191 18.18 2.29 2.16
N GLU B 192 17.75 2.13 3.41
CA GLU B 192 18.71 2.20 4.53
C GLU B 192 19.82 1.16 4.36
N ALA B 193 19.44 -0.10 4.07
CA ALA B 193 20.45 -1.14 3.89
C ALA B 193 21.42 -0.73 2.79
N ASN B 194 20.89 -0.27 1.65
CA ASN B 194 21.77 0.14 0.55
C ASN B 194 22.70 1.31 0.93
N ASP B 195 22.15 2.32 1.60
CA ASP B 195 22.95 3.47 2.09
C ASP B 195 24.07 3.02 3.02
N ARG B 196 23.84 1.95 3.76
CA ARG B 196 24.82 1.43 4.73
C ARG B 196 25.64 0.28 4.18
N GLY B 197 25.58 0.07 2.88
CA GLY B 197 26.44 -0.90 2.22
C GLY B 197 26.06 -2.38 2.42
N ALA B 198 24.79 -2.62 2.74
CA ALA B 198 24.28 -3.96 2.94
C ALA B 198 23.11 -4.18 1.96
N THR B 199 22.58 -5.40 1.96
CA THR B 199 21.52 -5.79 1.03
C THR B 199 20.20 -6.06 1.77
N TYR B 200 20.27 -6.52 3.03
CA TYR B 200 19.08 -6.97 3.75
C TYR B 200 18.87 -6.20 5.04
N PRO B 201 17.70 -5.55 5.19
CA PRO B 201 17.39 -4.88 6.42
C PRO B 201 16.61 -5.81 7.36
N PHE B 202 16.99 -5.80 8.65
CA PHE B 202 16.20 -6.47 9.68
C PHE B 202 15.52 -5.36 10.45
N LEU B 203 14.19 -5.39 10.56
CA LEU B 203 13.48 -4.33 11.23
C LEU B 203 13.12 -4.70 12.66
N THR B 204 13.20 -3.74 13.56
CA THR B 204 12.73 -3.97 14.92
C THR B 204 11.27 -3.60 15.03
N ASP B 205 10.67 -3.94 16.16
CA ASP B 205 9.27 -3.63 16.43
C ASP B 205 9.10 -2.26 17.08
N GLY B 206 10.19 -1.51 17.14
CA GLY B 206 10.21 -0.22 17.84
C GLY B 206 10.13 -0.37 19.36
N ASP B 207 10.40 -1.57 19.86
CA ASP B 207 10.38 -1.83 21.29
C ASP B 207 11.53 -2.80 21.63
N ALA B 208 12.57 -2.73 20.81
CA ALA B 208 13.83 -3.43 20.99
C ALA B 208 13.80 -4.95 20.73
N ASN B 209 12.83 -5.42 19.93
CA ASN B 209 12.81 -6.81 19.48
C ASN B 209 12.95 -6.92 17.98
N LEU B 210 13.51 -8.04 17.53
CA LEU B 210 13.62 -8.36 16.12
C LEU B 210 12.24 -8.71 15.56
N THR B 211 11.96 -8.28 14.32
CA THR B 211 10.74 -8.79 13.65
C THR B 211 11.11 -9.58 12.40
N GLU B 212 11.07 -8.93 11.24
CA GLU B 212 11.36 -9.59 9.96
C GLU B 212 12.03 -8.56 9.06
N GLY B 213 12.32 -8.95 7.81
CA GLY B 213 12.90 -8.02 6.86
C GLY B 213 11.98 -7.73 5.68
N SER B 214 12.57 -7.18 4.61
CA SER B 214 11.83 -6.79 3.42
CA SER B 214 11.80 -6.79 3.44
C SER B 214 11.46 -8.02 2.59
N GLY B 215 10.42 -8.73 3.02
CA GLY B 215 9.91 -9.92 2.34
C GLY B 215 10.59 -11.23 2.75
N PHE B 216 11.15 -11.29 3.95
CA PHE B 216 11.73 -12.56 4.45
C PHE B 216 11.60 -12.60 5.95
N ASN B 217 11.47 -13.81 6.51
CA ASN B 217 11.58 -13.99 7.95
C ASN B 217 13.05 -14.20 8.30
N VAL B 218 13.36 -14.02 9.59
CA VAL B 218 14.72 -14.15 10.09
C VAL B 218 14.77 -15.22 11.19
N VAL B 219 15.74 -16.12 11.09
CA VAL B 219 15.92 -17.16 12.10
C VAL B 219 17.34 -17.03 12.65
N LEU B 220 17.46 -16.98 13.99
CA LEU B 220 18.78 -16.97 14.65
C LEU B 220 19.09 -18.36 15.22
N ILE B 221 20.36 -18.75 15.20
CA ILE B 221 20.80 -20.05 15.75
C ILE B 221 21.81 -19.73 16.84
N LYS B 222 21.54 -20.18 18.07
CA LYS B 222 22.39 -19.86 19.22
CA LYS B 222 22.41 -19.87 19.21
C LYS B 222 22.53 -21.11 20.11
N ASP B 223 23.77 -21.60 20.23
CA ASP B 223 24.05 -22.80 21.02
C ASP B 223 23.20 -24.01 20.62
N GLY B 224 23.10 -24.25 19.31
CA GLY B 224 22.38 -25.39 18.76
C GLY B 224 20.86 -25.33 18.79
N VAL B 225 20.29 -24.19 19.19
CA VAL B 225 18.85 -23.96 19.25
C VAL B 225 18.47 -22.84 18.25
N LEU B 226 17.41 -23.05 17.48
CA LEU B 226 16.91 -22.03 16.52
C LEU B 226 15.86 -21.12 17.18
N TYR B 227 15.86 -19.83 16.83
CA TYR B 227 14.93 -18.84 17.38
C TYR B 227 14.38 -18.00 16.25
N THR B 228 13.08 -17.72 16.30
CA THR B 228 12.45 -16.85 15.27
C THR B 228 11.28 -16.08 15.91
N PRO B 229 11.14 -14.77 15.59
CA PRO B 229 10.11 -13.98 16.26
C PRO B 229 8.70 -14.53 16.05
N ASP B 230 7.88 -14.46 17.09
CA ASP B 230 6.49 -14.92 16.99
CA ASP B 230 6.48 -14.92 17.03
C ASP B 230 5.59 -13.80 16.47
N ARG B 231 5.61 -12.65 17.14
CA ARG B 231 4.72 -11.52 16.81
C ARG B 231 5.36 -10.57 15.84
N GLY B 232 4.51 -9.80 15.15
CA GLY B 232 4.99 -8.69 14.34
C GLY B 232 5.48 -9.08 12.95
N VAL B 233 5.18 -10.32 12.54
CA VAL B 233 5.74 -10.87 11.31
C VAL B 233 4.74 -11.72 10.54
N LEU B 234 4.99 -11.83 9.25
CA LEU B 234 4.26 -12.82 8.42
C LEU B 234 4.68 -14.22 8.86
N GLN B 235 3.71 -15.11 9.03
CA GLN B 235 4.02 -16.51 9.36
C GLN B 235 4.34 -17.26 8.07
N GLY B 236 5.61 -17.17 7.67
CA GLY B 236 6.05 -17.63 6.36
C GLY B 236 5.88 -19.13 6.19
N ILE B 237 5.60 -19.54 4.97
CA ILE B 237 5.55 -20.97 4.63
CA ILE B 237 5.56 -20.98 4.74
C ILE B 237 6.98 -21.53 4.61
N THR B 238 7.95 -20.67 4.26
CA THR B 238 9.34 -21.12 4.30
C THR B 238 9.72 -21.32 5.77
N ARG B 239 9.30 -20.37 6.61
CA ARG B 239 9.51 -20.47 8.06
C ARG B 239 8.84 -21.74 8.62
N LYS B 240 7.63 -22.03 8.16
CA LYS B 240 6.91 -23.27 8.51
CA LYS B 240 6.95 -23.26 8.58
C LYS B 240 7.77 -24.49 8.16
N SER B 241 8.37 -24.43 6.97
CA SER B 241 9.21 -25.50 6.43
C SER B 241 10.53 -25.60 7.21
N VAL B 242 11.06 -24.45 7.64
CA VAL B 242 12.23 -24.46 8.54
C VAL B 242 11.90 -25.11 9.90
N ILE B 243 10.72 -24.82 10.45
CA ILE B 243 10.24 -25.50 11.65
C ILE B 243 10.13 -27.02 11.44
N ASP B 244 9.56 -27.45 10.32
CA ASP B 244 9.51 -28.88 9.95
C ASP B 244 10.91 -29.48 9.82
N ALA B 245 11.78 -28.75 9.09
CA ALA B 245 13.15 -29.21 8.81
C ALA B 245 13.97 -29.34 10.09
N ALA B 246 13.81 -28.39 11.02
CA ALA B 246 14.53 -28.42 12.30
C ALA B 246 14.15 -29.71 13.02
N ARG B 247 12.85 -29.97 13.14
CA ARG B 247 12.42 -31.17 13.82
CA ARG B 247 12.35 -31.20 13.77
C ARG B 247 12.89 -32.42 13.05
N SER B 248 12.85 -32.38 11.73
CA SER B 248 13.34 -33.49 10.91
C SER B 248 14.83 -33.81 11.17
N CYS B 249 15.61 -32.73 11.33
CA CYS B 249 17.04 -32.82 11.54
C CYS B 249 17.40 -32.97 13.02
N GLY B 250 16.38 -33.00 13.88
CA GLY B 250 16.59 -33.18 15.34
C GLY B 250 17.06 -31.97 16.13
N TYR B 251 16.79 -30.76 15.63
CA TYR B 251 17.04 -29.53 16.39
C TYR B 251 15.76 -28.96 16.98
N GLU B 252 15.90 -28.20 18.07
CA GLU B 252 14.81 -27.46 18.67
C GLU B 252 14.71 -26.06 18.02
N ILE B 253 13.48 -25.59 17.81
CA ILE B 253 13.26 -24.23 17.30
C ILE B 253 12.21 -23.56 18.18
N ARG B 254 12.50 -22.33 18.59
CA ARG B 254 11.62 -21.56 19.46
CA ARG B 254 11.61 -21.57 19.46
C ARG B 254 11.01 -20.39 18.70
N VAL B 255 9.68 -20.34 18.64
CA VAL B 255 8.96 -19.24 18.00
C VAL B 255 8.46 -18.35 19.13
N GLU B 256 9.16 -17.24 19.36
CA GLU B 256 8.92 -16.44 20.56
C GLU B 256 9.51 -15.05 20.37
N HIS B 257 9.37 -14.17 21.35
CA HIS B 257 10.02 -12.86 21.29
C HIS B 257 11.54 -12.99 21.24
N VAL B 258 12.18 -12.25 20.35
CA VAL B 258 13.62 -12.32 20.15
C VAL B 258 14.14 -10.90 20.39
N PRO B 259 14.78 -10.64 21.55
CA PRO B 259 15.36 -9.31 21.76
CA PRO B 259 15.34 -9.31 21.75
C PRO B 259 16.37 -9.00 20.67
N ILE B 260 16.43 -7.74 20.24
CA ILE B 260 17.32 -7.42 19.14
C ILE B 260 18.78 -7.76 19.47
N GLU B 261 19.12 -7.68 20.76
CA GLU B 261 20.48 -8.00 21.22
C GLU B 261 20.92 -9.39 20.78
N ALA B 262 19.96 -10.31 20.73
CA ALA B 262 20.23 -11.68 20.30
C ALA B 262 20.82 -11.80 18.89
N THR B 263 20.50 -10.84 18.01
CA THR B 263 21.08 -10.87 16.65
CA THR B 263 21.05 -10.85 16.66
C THR B 263 22.59 -10.74 16.69
N TYR B 264 23.08 -9.93 17.63
CA TYR B 264 24.51 -9.64 17.77
C TYR B 264 25.25 -10.77 18.45
N GLN B 265 24.51 -11.62 19.18
CA GLN B 265 25.06 -12.74 19.96
CA GLN B 265 25.13 -12.72 19.92
C GLN B 265 24.97 -14.08 19.22
N ALA B 266 24.24 -14.09 18.09
CA ALA B 266 23.92 -15.36 17.37
C ALA B 266 25.14 -16.12 16.84
N ASP B 267 25.08 -17.46 16.83
CA ASP B 267 26.11 -18.28 16.16
C ASP B 267 25.93 -18.33 14.65
N GLU B 268 24.67 -18.36 14.20
CA GLU B 268 24.35 -18.39 12.77
C GLU B 268 23.09 -17.56 12.58
N ILE B 269 22.92 -17.01 11.39
CA ILE B 269 21.70 -16.27 11.07
C ILE B 269 21.29 -16.71 9.68
N LEU B 270 19.99 -16.95 9.48
CA LEU B 270 19.52 -17.18 8.11
C LEU B 270 18.19 -16.40 7.91
N MET B 271 17.93 -16.06 6.65
CA MET B 271 16.66 -15.50 6.24
C MET B 271 15.91 -16.57 5.46
N CYS B 272 14.58 -16.49 5.45
CA CYS B 272 13.85 -17.49 4.66
C CYS B 272 12.63 -16.87 3.96
N THR B 273 12.41 -17.32 2.74
CA THR B 273 11.31 -16.78 1.96
C THR B 273 11.07 -17.68 0.77
N THR B 274 9.87 -17.63 0.19
CA THR B 274 9.59 -18.47 -0.97
C THR B 274 10.49 -18.08 -2.15
N ALA B 275 10.71 -16.79 -2.33
CA ALA B 275 11.53 -16.32 -3.47
C ALA B 275 13.04 -16.40 -3.10
N GLY B 276 13.55 -17.62 -3.05
CA GLY B 276 14.98 -17.81 -2.78
C GLY B 276 15.28 -18.93 -1.80
N GLY B 277 14.35 -19.20 -0.88
CA GLY B 277 14.52 -20.35 0.01
C GLY B 277 15.24 -19.97 1.29
N ILE B 278 16.39 -20.63 1.55
CA ILE B 278 17.11 -20.49 2.83
C ILE B 278 18.36 -19.66 2.53
N MET B 279 18.48 -18.49 3.14
CA MET B 279 19.44 -17.46 2.68
C MET B 279 20.31 -17.04 3.87
N PRO B 280 21.54 -17.60 3.93
CA PRO B 280 22.39 -17.34 5.12
C PRO B 280 22.83 -15.88 5.19
N ILE B 281 22.95 -15.37 6.41
CA ILE B 281 23.54 -14.03 6.67
C ILE B 281 24.83 -14.22 7.46
N THR B 282 25.93 -13.76 6.87
CA THR B 282 27.26 -13.96 7.49
C THR B 282 27.96 -12.65 7.93
N THR B 283 27.42 -11.50 7.51
CA THR B 283 27.84 -10.18 8.02
C THR B 283 26.62 -9.40 8.54
N LEU B 284 26.74 -8.87 9.75
CA LEU B 284 25.70 -8.05 10.37
C LEU B 284 26.27 -6.72 10.88
N ASP B 285 25.70 -5.60 10.42
CA ASP B 285 26.19 -4.28 10.85
C ASP B 285 27.71 -4.20 10.68
N ASP B 286 28.19 -4.68 9.54
CA ASP B 286 29.60 -4.63 9.12
C ASP B 286 30.53 -5.53 9.93
N LYS B 287 30.00 -6.43 10.75
CA LYS B 287 30.85 -7.33 11.52
C LYS B 287 30.48 -8.76 11.15
N PRO B 288 31.46 -9.69 11.13
CA PRO B 288 31.12 -11.09 10.84
CA PRO B 288 31.13 -11.09 10.84
C PRO B 288 30.15 -11.65 11.87
N VAL B 289 29.28 -12.56 11.44
CA VAL B 289 28.44 -13.34 12.34
C VAL B 289 29.33 -14.53 12.73
N LYS B 290 29.71 -14.55 14.01
CA LYS B 290 30.71 -15.49 14.53
CA LYS B 290 30.74 -15.46 14.54
C LYS B 290 31.96 -15.47 13.62
N ASP B 291 32.24 -16.58 12.96
CA ASP B 291 33.41 -16.68 12.11
C ASP B 291 33.18 -16.22 10.67
N GLY B 292 32.00 -15.65 10.40
CA GLY B 292 31.71 -15.13 9.06
C GLY B 292 31.50 -16.19 7.98
N LYS B 293 31.33 -17.45 8.38
CA LYS B 293 31.08 -18.54 7.44
CA LYS B 293 31.08 -18.55 7.45
C LYS B 293 29.65 -19.07 7.61
N VAL B 294 29.10 -19.66 6.55
CA VAL B 294 27.76 -20.26 6.64
C VAL B 294 27.86 -21.41 7.64
N GLY B 295 26.99 -21.40 8.65
CA GLY B 295 27.04 -22.35 9.77
C GLY B 295 26.51 -23.75 9.45
N PRO B 296 26.86 -24.74 10.28
CA PRO B 296 26.46 -26.11 9.98
C PRO B 296 24.96 -26.37 10.13
N ILE B 297 24.31 -25.73 11.10
CA ILE B 297 22.86 -25.95 11.30
C ILE B 297 22.10 -25.34 10.10
N THR B 298 22.54 -24.16 9.65
CA THR B 298 21.99 -23.52 8.46
C THR B 298 22.07 -24.49 7.30
N LYS B 299 23.22 -25.15 7.15
CA LYS B 299 23.43 -26.05 6.03
C LYS B 299 22.50 -27.28 6.11
N ALA B 300 22.26 -27.75 7.33
CA ALA B 300 21.34 -28.88 7.55
C ALA B 300 19.92 -28.48 7.16
N ILE B 301 19.50 -27.31 7.65
CA ILE B 301 18.18 -26.74 7.29
C ILE B 301 18.05 -26.56 5.78
N TRP B 302 19.10 -26.01 5.13
CA TRP B 302 19.13 -25.75 3.70
C TRP B 302 18.85 -27.04 2.92
N ASP B 303 19.60 -28.09 3.23
CA ASP B 303 19.47 -29.36 2.56
C ASP B 303 18.09 -29.98 2.75
N ARG B 304 17.55 -29.90 3.98
CA ARG B 304 16.26 -30.55 4.26
C ARG B 304 15.12 -29.77 3.58
N TYR B 305 15.15 -28.45 3.67
CA TYR B 305 14.20 -27.59 2.95
C TYR B 305 14.10 -27.99 1.48
N TRP B 306 15.23 -28.13 0.79
CA TRP B 306 15.17 -28.43 -0.62
C TRP B 306 14.72 -29.89 -0.86
N ALA B 307 15.17 -30.80 -0.03
CA ALA B 307 14.75 -32.21 -0.15
C ALA B 307 13.20 -32.35 -0.08
N MET B 308 12.57 -31.52 0.74
CA MET B 308 11.08 -31.49 0.86
C MET B 308 10.40 -31.25 -0.48
N HIS B 309 11.11 -30.60 -1.43
CA HIS B 309 10.53 -30.21 -2.72
C HIS B 309 10.24 -31.39 -3.62
N TRP B 310 10.81 -32.56 -3.29
CA TRP B 310 10.58 -33.79 -4.07
C TRP B 310 9.75 -34.85 -3.31
N GLU B 311 9.24 -34.49 -2.15
CA GLU B 311 8.42 -35.40 -1.33
C GLU B 311 6.94 -35.12 -1.56
N ASP B 312 6.16 -36.19 -1.73
CA ASP B 312 4.71 -36.03 -1.95
C ASP B 312 3.98 -35.30 -0.87
N GLU B 313 4.41 -35.44 0.37
CA GLU B 313 3.77 -34.75 1.46
C GLU B 313 3.74 -33.23 1.24
N PHE B 314 4.78 -32.71 0.60
CA PHE B 314 4.96 -31.26 0.48
C PHE B 314 4.86 -30.72 -0.92
N SER B 315 4.60 -31.56 -1.92
CA SER B 315 4.66 -31.09 -3.30
C SER B 315 3.87 -32.00 -4.21
N PHE B 316 3.47 -31.49 -5.37
CA PHE B 316 2.86 -32.34 -6.39
C PHE B 316 3.38 -32.00 -7.76
N LYS B 317 3.44 -33.04 -8.61
CA LYS B 317 4.03 -32.94 -9.92
CA LYS B 317 4.04 -32.92 -9.91
C LYS B 317 3.03 -32.35 -10.91
N ILE B 318 3.43 -31.29 -11.62
CA ILE B 318 2.63 -30.71 -12.68
C ILE B 318 2.83 -31.47 -14.00
N ASN B 319 1.76 -31.75 -14.72
CA ASN B 319 1.87 -32.34 -16.04
C ASN B 319 2.08 -31.24 -17.09
N TYR B 320 3.23 -31.25 -17.75
CA TYR B 320 3.52 -30.23 -18.76
C TYR B 320 3.05 -30.62 -20.16
N LEU B 321 2.63 -31.88 -20.34
CA LEU B 321 2.19 -32.38 -21.66
C LEU B 321 0.82 -31.85 -22.02
N GLU B 322 0.72 -31.26 -23.21
CA GLU B 322 -0.52 -30.64 -23.68
C GLU B 322 -1.14 -31.39 -24.84
O1 MES C . -7.05 12.70 -0.12
C2 MES C . -7.99 13.56 -0.75
C3 MES C . -8.82 12.59 -1.59
N4 MES C . -9.09 11.34 -0.86
C5 MES C . -9.01 11.50 0.61
C6 MES C . -7.62 12.01 0.99
C7 MES C . -10.40 10.80 -1.30
C8 MES C . -10.83 9.56 -0.52
S MES C . -11.73 8.47 -1.43
O1S MES C . -12.17 7.45 -0.46
O2S MES C . -10.88 7.84 -2.48
O3S MES C . -12.89 9.06 -2.14
N1 PLP D . -5.30 12.71 5.60
C2 PLP D . -4.71 11.80 4.79
C2A PLP D . -4.18 10.51 5.37
C3 PLP D . -4.50 12.09 3.34
O3 PLP D . -3.83 11.21 2.52
C4 PLP D . -5.03 13.39 2.82
C4A PLP D . -4.86 13.80 1.36
C5 PLP D . -5.73 14.27 3.83
C6 PLP D . -5.79 13.89 5.15
C5A PLP D . -6.33 15.60 3.48
O4P PLP D . -5.37 16.35 2.77
P PLP D . -5.85 17.53 1.78
O1P PLP D . -4.55 18.07 1.26
O2P PLP D . -6.74 16.93 0.69
O3P PLP D . -6.61 18.52 2.62
O1 MES E . 6.88 -12.99 -0.48
C2 MES E . 7.67 -11.94 0.08
C3 MES E . 8.02 -11.03 -1.09
N4 MES E . 8.76 -11.82 -2.11
C5 MES E . 7.97 -13.00 -2.51
C6 MES E . 7.67 -13.85 -1.29
C7 MES E . 8.97 -11.05 -3.34
C8 MES E . 10.02 -9.96 -3.13
S MES E . 10.34 -9.24 -4.59
O1S MES E . 9.10 -8.80 -5.29
O2S MES E . 11.06 -10.13 -5.52
O3S MES E . 11.19 -8.10 -4.24
N1 PLP F . 7.87 -11.51 5.36
C2 PLP F . 6.93 -10.79 4.71
C2A PLP F . 6.62 -9.38 5.16
C3 PLP F . 6.15 -11.36 3.58
O3 PLP F . 5.16 -10.63 2.96
C4 PLP F . 6.49 -12.75 3.18
C4A PLP F . 5.75 -13.46 2.04
C5 PLP F . 7.60 -13.42 3.93
C6 PLP F . 8.20 -12.79 5.02
C5A PLP F . 8.05 -14.85 3.64
O4P PLP F . 6.89 -15.70 3.58
P PLP F . 6.93 -17.10 2.78
O1P PLP F . 7.21 -16.78 1.35
O2P PLP F . 5.54 -17.67 3.02
O3P PLP F . 8.05 -17.90 3.44
#